data_4E94
#
_entry.id   4E94
#
_cell.length_a   108.323
_cell.length_b   118.912
_cell.length_c   51.737
_cell.angle_alpha   90.00
_cell.angle_beta   90.00
_cell.angle_gamma   90.00
#
_symmetry.space_group_name_H-M   'P 21 21 2'
#
loop_
_entity.id
_entity.type
_entity.pdbx_description
1 polymer 'MccC family protein'
2 non-polymer 'SULFATE ION'
3 non-polymer GLYCEROL
4 water water
#
_entity_poly.entity_id   1
_entity_poly.type   'polypeptide(L)'
_entity_poly.pdbx_seq_one_letter_code
;SNA(MSE)VSTIGIVSLSSGIIGEDFVKHEVDLGIQRLKDLGLNPIFLPHSLKGLDFIKDHPEARAEDLIHAFSDDSID
(MSE)ILCAIGGDDTYRLLPYLFENDQLQKVIKQKIFLGFSDTT(MSE)NHL(MSE)LHKLGIKTFYGQSFLADICELDK
E(MSE)LAYSLHYFKELIETGRISEIRPSDVWYEERTDFSPTALGTPRVSHTNTGFDLLQGSAQFEGKILGGCLESLYDI
FDNSRYADSTELCQKYKLFPDLSDWEGKILLLETSEEKPKPEDFKK(MSE)LLTLKDTGIFAVINGLLVGKP(MSE)DET
FHDDYKEALLDIIDSNIPIVYNLNVGHATPRAIVPFGVHAHVDAQEQVILFDYNK
;
_entity_poly.pdbx_strand_id   A,B
#
# COMPACT_ATOMS: atom_id res chain seq x y z
N VAL A 5 24.51 28.39 -13.05
CA VAL A 5 23.49 27.46 -13.53
C VAL A 5 22.23 28.26 -13.87
N SER A 6 21.76 28.14 -15.10
CA SER A 6 20.55 28.86 -15.53
C SER A 6 19.53 27.91 -16.15
N THR A 7 19.98 27.04 -17.04
CA THR A 7 19.07 26.11 -17.71
C THR A 7 19.06 24.76 -17.00
N ILE A 8 17.87 24.27 -16.69
CA ILE A 8 17.71 22.99 -16.02
C ILE A 8 16.87 22.08 -16.90
N GLY A 9 17.44 20.95 -17.29
CA GLY A 9 16.76 19.99 -18.13
C GLY A 9 16.14 18.89 -17.29
N ILE A 10 14.87 18.61 -17.56
CA ILE A 10 14.14 17.61 -16.82
C ILE A 10 14.02 16.37 -17.68
N VAL A 11 14.38 15.22 -17.11
CA VAL A 11 14.38 13.95 -17.83
C VAL A 11 13.51 12.90 -17.14
N SER A 12 12.85 12.05 -17.93
CA SER A 12 12.11 10.92 -17.39
C SER A 12 12.89 9.65 -17.70
N LEU A 13 13.67 9.16 -16.75
CA LEU A 13 14.48 7.96 -16.97
C LEU A 13 13.86 6.71 -16.39
N SER A 14 12.80 6.91 -15.62
CA SER A 14 12.10 5.81 -14.97
C SER A 14 10.62 5.84 -15.37
N SER A 15 9.72 6.23 -14.46
CA SER A 15 8.31 6.35 -14.84
C SER A 15 8.08 7.52 -15.78
N GLY A 16 7.17 7.36 -16.72
CA GLY A 16 6.80 8.47 -17.59
C GLY A 16 5.59 9.28 -17.13
N ILE A 17 5.26 9.24 -15.84
CA ILE A 17 4.00 9.82 -15.40
C ILE A 17 3.92 11.33 -15.58
N ILE A 18 5.06 12.01 -15.74
CA ILE A 18 5.05 13.47 -15.68
C ILE A 18 4.26 14.12 -16.81
N GLY A 19 4.14 13.44 -17.94
CA GLY A 19 3.44 13.99 -19.09
C GLY A 19 1.96 13.70 -19.12
N GLU A 20 1.45 13.02 -18.10
CA GLU A 20 0.03 12.67 -18.06
C GLU A 20 -0.84 13.88 -17.71
N ASP A 21 -2.03 13.93 -18.29
CA ASP A 21 -2.88 15.11 -18.14
C ASP A 21 -3.12 15.51 -16.70
N PHE A 22 -3.31 14.53 -15.82
CA PHE A 22 -3.73 14.83 -14.46
C PHE A 22 -2.60 15.44 -13.62
N VAL A 23 -1.38 15.40 -14.14
CA VAL A 23 -0.21 15.95 -13.44
C VAL A 23 0.10 17.39 -13.90
N LYS A 24 -0.67 17.87 -14.86
CA LYS A 24 -0.41 19.17 -15.46
C LYS A 24 -0.24 20.30 -14.45
N HIS A 25 -1.14 20.41 -13.49
CA HIS A 25 -1.05 21.52 -12.58
C HIS A 25 0.19 21.42 -11.70
N GLU A 26 0.50 20.23 -11.22
CA GLU A 26 1.73 20.02 -10.44
C GLU A 26 2.96 20.45 -11.22
N VAL A 27 3.01 20.07 -12.49
CA VAL A 27 4.15 20.44 -13.31
C VAL A 27 4.26 21.96 -13.43
N ASP A 28 3.14 22.63 -13.65
CA ASP A 28 3.16 24.09 -13.78
C ASP A 28 3.65 24.73 -12.47
N LEU A 29 3.21 24.17 -11.35
CA LEU A 29 3.65 24.61 -10.03
C LEU A 29 5.18 24.53 -9.90
N GLY A 30 5.74 23.38 -10.27
CA GLY A 30 7.19 23.21 -10.20
C GLY A 30 7.93 24.13 -11.14
N ILE A 31 7.41 24.29 -12.35
CA ILE A 31 8.01 25.18 -13.32
C ILE A 31 8.09 26.60 -12.75
N GLN A 32 7.01 27.06 -12.13
CA GLN A 32 7.00 28.41 -11.60
C GLN A 32 8.04 28.55 -10.49
N ARG A 33 8.15 27.53 -9.65
CA ARG A 33 9.13 27.55 -8.56
C ARG A 33 10.57 27.58 -9.10
N LEU A 34 10.85 26.80 -10.13
CA LEU A 34 12.18 26.82 -10.74
C LEU A 34 12.49 28.20 -11.33
N LYS A 35 11.52 28.81 -11.99
CA LYS A 35 11.72 30.12 -12.58
C LYS A 35 12.07 31.12 -11.48
N ASP A 36 11.33 31.07 -10.37
CA ASP A 36 11.54 32.00 -9.25
C ASP A 36 12.92 31.86 -8.62
N LEU A 37 13.52 30.69 -8.77
CA LEU A 37 14.86 30.44 -8.21
C LEU A 37 15.99 30.89 -9.13
N GLY A 38 15.68 31.41 -10.32
CA GLY A 38 16.71 31.85 -11.24
C GLY A 38 16.97 30.90 -12.38
N LEU A 39 16.07 29.94 -12.58
CA LEU A 39 16.30 28.90 -13.58
C LEU A 39 15.31 28.98 -14.72
N ASN A 40 15.67 28.33 -15.82
CA ASN A 40 14.80 28.21 -16.98
C ASN A 40 14.68 26.72 -17.32
N PRO A 41 13.55 26.11 -16.94
CA PRO A 41 13.39 24.68 -17.19
C PRO A 41 13.10 24.34 -18.64
N ILE A 42 13.66 23.23 -19.08
CA ILE A 42 13.34 22.66 -20.37
C ILE A 42 13.18 21.17 -20.15
N PHE A 43 12.21 20.57 -20.85
CA PHE A 43 12.01 19.14 -20.80
C PHE A 43 12.65 18.51 -22.02
N LEU A 44 13.47 17.48 -21.80
CA LEU A 44 14.11 16.79 -22.92
C LEU A 44 13.04 16.20 -23.84
N PRO A 45 13.40 15.94 -25.11
CA PRO A 45 12.41 15.66 -26.16
C PRO A 45 11.39 14.53 -25.89
N HIS A 46 11.81 13.43 -25.26
CA HIS A 46 10.88 12.32 -25.00
C HIS A 46 10.21 12.36 -23.63
N SER A 47 10.66 13.27 -22.77
CA SER A 47 10.35 13.22 -21.34
CA SER A 47 10.35 13.18 -21.35
C SER A 47 8.87 13.38 -20.99
N LEU A 48 8.10 14.01 -21.87
CA LEU A 48 6.69 14.28 -21.57
C LEU A 48 5.73 13.39 -22.34
N LYS A 49 6.23 12.33 -22.97
CA LYS A 49 5.43 11.52 -23.88
C LYS A 49 4.50 10.55 -23.18
N GLY A 50 4.61 10.44 -21.87
CA GLY A 50 3.60 9.73 -21.09
C GLY A 50 4.01 8.36 -20.62
N LEU A 51 3.14 7.74 -19.84
CA LEU A 51 3.42 6.48 -19.16
C LEU A 51 3.80 5.36 -20.13
N ASP A 52 2.91 5.07 -21.07
CA ASP A 52 3.10 3.97 -22.00
C ASP A 52 4.35 4.13 -22.87
N PHE A 53 4.54 5.31 -23.44
CA PHE A 53 5.67 5.52 -24.33
C PHE A 53 6.99 5.34 -23.59
N ILE A 54 7.13 5.99 -22.44
CA ILE A 54 8.36 5.91 -21.66
C ILE A 54 8.61 4.46 -21.19
N LYS A 55 7.56 3.77 -20.78
CA LYS A 55 7.70 2.38 -20.34
C LYS A 55 8.28 1.54 -21.45
N ASP A 56 7.76 1.73 -22.66
CA ASP A 56 8.11 0.82 -23.75
C ASP A 56 9.35 1.25 -24.54
N HIS A 57 9.90 2.42 -24.23
CA HIS A 57 11.05 2.92 -24.96
C HIS A 57 12.20 3.33 -24.06
N PRO A 58 12.83 2.36 -23.38
CA PRO A 58 14.01 2.70 -22.60
C PRO A 58 15.10 3.36 -23.46
N GLU A 59 15.16 2.99 -24.74
CA GLU A 59 16.14 3.60 -25.64
C GLU A 59 15.91 5.12 -25.78
N ALA A 60 14.65 5.52 -25.77
CA ALA A 60 14.31 6.95 -25.86
C ALA A 60 14.72 7.68 -24.58
N ARG A 61 14.51 7.05 -23.44
CA ARG A 61 14.94 7.65 -22.18
C ARG A 61 16.46 7.85 -22.25
N ALA A 62 17.17 6.85 -22.74
CA ALA A 62 18.62 6.93 -22.88
C ALA A 62 19.03 8.07 -23.81
N GLU A 63 18.31 8.23 -24.92
CA GLU A 63 18.61 9.31 -25.86
C GLU A 63 18.44 10.68 -25.18
N ASP A 64 17.39 10.83 -24.37
CA ASP A 64 17.19 12.07 -23.61
C ASP A 64 18.37 12.34 -22.67
N LEU A 65 18.87 11.30 -22.02
CA LEU A 65 19.98 11.46 -21.07
C LEU A 65 21.26 11.83 -21.80
N ILE A 66 21.51 11.15 -22.90
CA ILE A 66 22.68 11.46 -23.73
C ILE A 66 22.64 12.92 -24.20
N HIS A 67 21.48 13.36 -24.68
CA HIS A 67 21.31 14.74 -25.13
C HIS A 67 21.49 15.72 -23.97
N ALA A 68 20.92 15.39 -22.82
CA ALA A 68 21.03 16.27 -21.66
C ALA A 68 22.50 16.47 -21.25
N PHE A 69 23.31 15.42 -21.32
CA PHE A 69 24.72 15.53 -20.93
C PHE A 69 25.61 16.17 -22.00
N SER A 70 25.17 16.13 -23.25
CA SER A 70 26.00 16.58 -24.36
C SER A 70 25.63 17.98 -24.85
N ASP A 71 24.45 18.45 -24.47
CA ASP A 71 23.99 19.77 -24.86
C ASP A 71 24.57 20.82 -23.92
N ASP A 72 25.50 21.63 -24.41
CA ASP A 72 26.20 22.58 -23.55
C ASP A 72 25.28 23.70 -23.03
N SER A 73 24.10 23.83 -23.64
CA SER A 73 23.14 24.84 -23.19
C SER A 73 22.35 24.36 -21.95
N ILE A 74 22.48 23.09 -21.59
CA ILE A 74 21.83 22.55 -20.39
C ILE A 74 22.85 22.52 -19.25
N ASP A 75 22.57 23.26 -18.18
CA ASP A 75 23.52 23.42 -17.07
C ASP A 75 23.32 22.40 -15.95
N ILE A 77 20.76 18.70 -14.78
CA ILE A 77 19.81 17.67 -15.15
C ILE A 77 19.05 17.23 -13.90
N LEU A 78 17.72 17.27 -13.97
CA LEU A 78 16.88 16.90 -12.84
C LEU A 78 15.93 15.78 -13.25
N CYS A 79 15.96 14.68 -12.51
CA CYS A 79 15.04 13.58 -12.77
C CYS A 79 13.61 13.95 -12.40
N ALA A 80 12.67 13.57 -13.26
CA ALA A 80 11.27 13.88 -13.06
C ALA A 80 10.72 13.15 -11.85
N ILE A 81 11.08 11.88 -11.76
CA ILE A 81 10.47 10.94 -10.85
C ILE A 81 11.18 9.60 -11.04
N GLY A 82 11.14 8.76 -10.02
CA GLY A 82 11.68 7.41 -10.10
C GLY A 82 10.71 6.44 -10.75
N GLY A 83 10.80 5.18 -10.31
CA GLY A 83 10.10 4.07 -10.94
C GLY A 83 10.78 2.80 -10.48
N ASP A 84 11.01 1.86 -11.39
CA ASP A 84 11.71 0.66 -10.99
C ASP A 84 12.47 -0.08 -12.09
N ASP A 85 12.61 0.53 -13.27
CA ASP A 85 13.19 -0.21 -14.39
C ASP A 85 14.24 0.54 -15.20
N THR A 86 14.85 1.57 -14.62
CA THR A 86 15.83 2.34 -15.39
C THR A 86 17.09 1.50 -15.72
N TYR A 87 17.27 0.35 -15.08
CA TYR A 87 18.40 -0.52 -15.44
C TYR A 87 18.33 -0.87 -16.93
N ARG A 88 17.14 -0.80 -17.51
CA ARG A 88 16.94 -1.16 -18.91
C ARG A 88 17.70 -0.24 -19.87
N LEU A 89 18.06 0.94 -19.39
CA LEU A 89 18.82 1.88 -20.23
C LEU A 89 20.25 1.41 -20.50
N LEU A 90 20.75 0.46 -19.73
CA LEU A 90 22.17 0.12 -19.75
C LEU A 90 22.74 -0.10 -21.16
N PRO A 91 22.12 -0.98 -21.95
CA PRO A 91 22.78 -1.22 -23.25
C PRO A 91 22.81 0.01 -24.16
N TYR A 92 21.80 0.88 -24.03
CA TYR A 92 21.68 2.05 -24.88
C TYR A 92 22.68 3.14 -24.47
N LEU A 93 23.24 2.98 -23.28
CA LEU A 93 24.21 3.94 -22.76
C LEU A 93 25.63 3.41 -22.82
N PHE A 94 25.79 2.08 -22.77
CA PHE A 94 27.11 1.48 -22.66
C PHE A 94 27.56 0.50 -23.75
N GLU A 95 26.63 -0.12 -24.47
CA GLU A 95 27.04 -1.19 -25.40
C GLU A 95 28.09 -0.69 -26.42
N ASN A 96 27.94 0.57 -26.83
CA ASN A 96 28.89 1.19 -27.74
C ASN A 96 29.40 2.50 -27.18
N ASP A 97 29.53 2.54 -25.85
CA ASP A 97 30.07 3.70 -25.15
C ASP A 97 29.33 4.98 -25.53
N GLN A 98 28.03 4.87 -25.76
CA GLN A 98 27.26 5.99 -26.28
C GLN A 98 27.30 7.18 -25.33
N LEU A 99 27.22 6.92 -24.03
CA LEU A 99 27.20 8.02 -23.06
C LEU A 99 28.61 8.55 -22.83
N GLN A 100 29.57 7.66 -22.70
CA GLN A 100 30.94 8.06 -22.41
C GLN A 100 31.46 9.02 -23.47
N LYS A 101 31.07 8.81 -24.71
CA LYS A 101 31.65 9.56 -25.81
C LYS A 101 31.32 11.04 -25.76
N VAL A 102 30.18 11.38 -25.15
CA VAL A 102 29.73 12.76 -25.21
C VAL A 102 29.47 13.39 -23.85
N ILE A 103 29.72 12.63 -22.78
CA ILE A 103 29.39 13.09 -21.43
C ILE A 103 30.32 14.20 -20.92
N LYS A 104 29.73 15.15 -20.20
CA LYS A 104 30.45 16.23 -19.55
C LYS A 104 29.99 16.34 -18.10
N GLN A 105 30.89 16.68 -17.19
CA GLN A 105 30.51 16.86 -15.80
C GLN A 105 29.53 18.02 -15.69
N LYS A 106 28.33 17.71 -15.22
CA LYS A 106 27.35 18.73 -14.89
C LYS A 106 26.40 18.13 -13.84
N ILE A 107 25.68 18.99 -13.14
CA ILE A 107 24.85 18.56 -12.04
C ILE A 107 23.78 17.59 -12.54
N PHE A 108 23.66 16.46 -11.84
CA PHE A 108 22.63 15.47 -12.09
C PHE A 108 22.03 15.08 -10.74
N LEU A 109 20.71 15.23 -10.61
CA LEU A 109 19.99 15.08 -9.34
C LEU A 109 18.80 14.15 -9.50
N GLY A 110 18.72 13.14 -8.63
CA GLY A 110 17.59 12.24 -8.56
C GLY A 110 17.73 11.27 -7.40
N PHE A 111 16.73 10.43 -7.17
CA PHE A 111 16.84 9.41 -6.13
C PHE A 111 15.96 8.19 -6.42
N SER A 112 16.06 7.18 -5.56
CA SER A 112 15.25 5.94 -5.64
C SER A 112 15.70 5.05 -6.81
N ASP A 113 14.84 4.79 -7.80
CA ASP A 113 15.27 4.02 -8.97
C ASP A 113 16.50 4.66 -9.63
N THR A 114 16.60 5.98 -9.50
CA THR A 114 17.72 6.72 -10.06
C THR A 114 19.08 6.30 -9.47
N THR A 115 19.04 5.62 -8.33
CA THR A 115 20.23 4.95 -7.80
C THR A 115 21.01 4.23 -8.92
N ASN A 117 21.06 4.94 -12.11
CA ASN A 117 21.70 5.96 -12.95
C ASN A 117 22.91 6.57 -12.25
N HIS A 118 22.81 6.76 -10.93
CA HIS A 118 23.96 7.25 -10.17
C HIS A 118 25.14 6.29 -10.31
N LEU A 119 24.90 5.00 -10.25
CA LEU A 119 25.98 4.02 -10.44
C LEU A 119 26.51 4.06 -11.87
N LEU A 121 26.66 6.69 -13.79
CA LEU A 121 27.46 7.89 -13.94
C LEU A 121 28.76 7.77 -13.14
N HIS A 122 28.71 7.10 -12.01
CA HIS A 122 29.92 6.83 -11.24
C HIS A 122 30.94 6.09 -12.08
N LYS A 123 30.45 5.14 -12.87
CA LYS A 123 31.27 4.30 -13.71
C LYS A 123 32.04 5.18 -14.72
N LEU A 124 31.41 6.28 -15.14
CA LEU A 124 32.01 7.20 -16.10
C LEU A 124 32.74 8.37 -15.43
N GLY A 125 32.93 8.28 -14.12
CA GLY A 125 33.71 9.28 -13.39
C GLY A 125 32.97 10.57 -13.09
N ILE A 126 31.65 10.56 -13.18
CA ILE A 126 30.85 11.76 -12.96
C ILE A 126 30.38 11.82 -11.50
N LYS A 127 30.57 12.98 -10.86
CA LYS A 127 30.13 13.21 -9.49
C LYS A 127 28.69 13.70 -9.51
N THR A 128 27.79 12.97 -8.84
CA THR A 128 26.36 13.26 -8.93
C THR A 128 25.78 13.67 -7.57
N PHE A 129 24.48 13.93 -7.56
CA PHE A 129 23.80 14.40 -6.37
C PHE A 129 22.54 13.59 -6.12
N TYR A 130 22.46 13.02 -4.92
CA TYR A 130 21.36 12.13 -4.55
C TYR A 130 20.33 12.80 -3.64
N GLY A 131 19.05 12.55 -3.89
CA GLY A 131 18.05 12.77 -2.84
C GLY A 131 16.80 13.56 -3.15
N GLN A 132 16.70 14.18 -4.31
CA GLN A 132 15.49 14.92 -4.69
C GLN A 132 15.14 14.68 -6.14
N SER A 133 13.86 14.89 -6.47
CA SER A 133 13.40 14.86 -7.84
C SER A 133 12.35 15.93 -8.09
N PHE A 134 11.99 16.13 -9.35
CA PHE A 134 11.13 17.24 -9.72
C PHE A 134 9.73 17.09 -9.10
N LEU A 135 9.06 15.99 -9.40
CA LEU A 135 7.69 15.85 -8.91
C LEU A 135 7.63 15.72 -7.39
N ALA A 136 8.59 15.00 -6.79
CA ALA A 136 8.53 14.72 -5.36
C ALA A 136 8.80 15.96 -4.49
N ASP A 137 9.73 16.79 -4.93
CA ASP A 137 10.23 17.88 -4.09
C ASP A 137 9.92 19.27 -4.65
N ILE A 138 10.19 19.47 -5.92
CA ILE A 138 9.91 20.77 -6.52
C ILE A 138 8.41 20.99 -6.61
N CYS A 139 7.65 19.90 -6.79
CA CYS A 139 6.21 20.00 -6.93
C CYS A 139 5.45 19.61 -5.67
N GLU A 140 6.09 19.79 -4.51
CA GLU A 140 5.44 19.66 -3.22
C GLU A 140 4.07 20.35 -3.28
N LEU A 141 3.02 19.67 -2.82
CA LEU A 141 1.67 20.20 -2.99
C LEU A 141 1.28 21.35 -2.06
N ASP A 142 1.97 21.52 -0.94
CA ASP A 142 1.66 22.64 -0.06
C ASP A 142 1.99 23.94 -0.78
N LYS A 143 1.65 25.06 -0.15
CA LYS A 143 1.78 26.36 -0.79
C LYS A 143 3.22 26.60 -1.27
N GLU A 144 4.18 26.24 -0.42
CA GLU A 144 5.60 26.34 -0.76
C GLU A 144 6.28 24.99 -0.62
N LEU A 146 8.92 22.37 0.92
CA LEU A 146 9.34 22.14 2.29
C LEU A 146 10.65 22.92 2.54
N ALA A 147 10.69 23.69 3.62
CA ALA A 147 11.82 24.61 3.83
C ALA A 147 13.17 23.90 3.80
N TYR A 148 13.25 22.75 4.44
CA TYR A 148 14.51 22.00 4.52
C TYR A 148 14.94 21.51 3.16
N SER A 149 13.99 20.97 2.39
CA SER A 149 14.29 20.52 1.03
C SER A 149 14.77 21.70 0.18
N LEU A 150 14.09 22.82 0.31
CA LEU A 150 14.44 24.00 -0.47
C LEU A 150 15.83 24.48 -0.13
N HIS A 151 16.19 24.42 1.16
CA HIS A 151 17.53 24.81 1.57
C HIS A 151 18.62 24.13 0.72
N TYR A 152 18.52 22.81 0.58
CA TYR A 152 19.50 22.04 -0.17
C TYR A 152 19.41 22.29 -1.68
N PHE A 153 18.19 22.31 -2.23
CA PHE A 153 18.04 22.57 -3.66
C PHE A 153 18.60 23.94 -4.04
N LYS A 154 18.27 24.96 -3.26
CA LYS A 154 18.74 26.32 -3.52
C LYS A 154 20.26 26.36 -3.47
N GLU A 155 20.85 25.73 -2.46
CA GLU A 155 22.30 25.73 -2.33
C GLU A 155 22.93 25.10 -3.55
N LEU A 156 22.38 23.97 -3.98
CA LEU A 156 22.92 23.26 -5.14
C LEU A 156 22.88 24.12 -6.40
N ILE A 157 21.75 24.74 -6.68
CA ILE A 157 21.61 25.47 -7.94
C ILE A 157 22.38 26.79 -7.92
N GLU A 158 22.60 27.34 -6.72
CA GLU A 158 23.32 28.61 -6.61
C GLU A 158 24.84 28.47 -6.53
N THR A 159 25.32 27.34 -6.02
CA THR A 159 26.75 27.13 -5.81
C THR A 159 27.32 25.94 -6.59
N GLY A 160 26.44 25.07 -7.08
CA GLY A 160 26.88 23.86 -7.77
C GLY A 160 27.33 22.74 -6.87
N ARG A 161 27.16 22.94 -5.56
CA ARG A 161 27.65 22.03 -4.53
C ARG A 161 26.73 22.00 -3.32
N ILE A 162 26.91 21.00 -2.46
CA ILE A 162 26.41 21.00 -1.09
C ILE A 162 27.58 21.01 -0.10
N SER A 163 27.60 22.00 0.79
CA SER A 163 28.73 22.18 1.70
C SER A 163 28.65 21.32 2.96
N GLU A 164 27.44 21.07 3.41
CA GLU A 164 27.21 20.34 4.66
C GLU A 164 25.76 19.89 4.74
N ILE A 165 25.50 18.86 5.55
CA ILE A 165 24.15 18.41 5.84
C ILE A 165 24.02 18.39 7.36
N ARG A 166 22.91 18.93 7.85
CA ARG A 166 22.54 18.91 9.26
C ARG A 166 21.11 18.37 9.34
N PRO A 167 20.74 17.74 10.46
CA PRO A 167 19.39 17.17 10.56
C PRO A 167 18.28 18.22 10.53
N SER A 168 17.13 17.82 9.99
CA SER A 168 15.94 18.65 9.99
CA SER A 168 15.95 18.67 9.99
C SER A 168 15.36 18.74 11.40
N ASP A 169 14.65 19.83 11.68
CA ASP A 169 13.97 19.98 12.95
C ASP A 169 12.71 19.11 13.00
N VAL A 170 12.11 18.88 11.84
CA VAL A 170 10.87 18.12 11.73
C VAL A 170 10.96 17.08 10.61
N TRP A 171 10.10 16.08 10.67
CA TRP A 171 9.91 15.17 9.54
C TRP A 171 8.41 15.06 9.26
N TYR A 172 8.08 14.59 8.06
CA TYR A 172 6.70 14.57 7.61
C TYR A 172 6.29 13.19 7.13
N GLU A 173 5.00 12.90 7.29
CA GLU A 173 4.41 11.69 6.76
C GLU A 173 4.08 11.81 5.29
N GLU A 174 4.03 10.66 4.63
CA GLU A 174 3.48 10.57 3.29
C GLU A 174 1.98 10.97 3.33
N ARG A 175 1.51 11.66 2.31
CA ARG A 175 0.10 12.07 2.24
C ARG A 175 -0.85 10.88 2.03
N THR A 176 -2.10 11.09 2.40
CA THR A 176 -3.14 10.10 2.19
C THR A 176 -4.24 10.65 1.29
N ASP A 177 -4.05 11.87 0.80
CA ASP A 177 -4.97 12.48 -0.18
C ASP A 177 -4.11 13.11 -1.26
N PHE A 178 -4.31 12.65 -2.50
CA PHE A 178 -3.57 13.15 -3.64
C PHE A 178 -4.51 13.75 -4.67
N SER A 179 -5.74 14.06 -4.25
CA SER A 179 -6.68 14.78 -5.12
C SER A 179 -6.39 16.28 -5.07
N PRO A 180 -7.10 17.06 -5.88
CA PRO A 180 -6.83 18.51 -5.89
C PRO A 180 -7.05 19.18 -4.54
N THR A 181 -7.85 18.58 -3.67
CA THR A 181 -8.05 19.18 -2.35
C THR A 181 -6.77 19.16 -1.51
N ALA A 182 -5.76 18.43 -1.95
CA ALA A 182 -4.49 18.36 -1.22
C ALA A 182 -3.65 19.63 -1.41
N LEU A 183 -3.89 20.35 -2.49
CA LEU A 183 -3.11 21.55 -2.76
C LEU A 183 -3.20 22.54 -1.60
N GLY A 184 -2.05 23.09 -1.22
CA GLY A 184 -2.02 24.16 -0.25
C GLY A 184 -2.23 23.66 1.16
N THR A 185 -2.21 22.34 1.35
CA THR A 185 -2.30 21.74 2.69
C THR A 185 -0.98 21.13 3.12
N PRO A 186 -0.67 21.24 4.42
CA PRO A 186 0.60 20.70 4.87
C PRO A 186 0.54 19.21 5.16
N ARG A 187 1.64 18.53 4.94
CA ARG A 187 1.81 17.17 5.41
C ARG A 187 1.78 17.18 6.93
N VAL A 188 1.46 16.04 7.53
CA VAL A 188 1.52 15.87 8.97
C VAL A 188 2.98 15.84 9.38
N SER A 189 3.35 16.64 10.39
CA SER A 189 4.73 16.68 10.84
C SER A 189 4.93 16.17 12.25
N HIS A 190 6.20 15.88 12.55
CA HIS A 190 6.63 15.38 13.84
C HIS A 190 8.01 15.92 14.10
N THR A 191 8.35 16.06 15.37
CA THR A 191 9.70 16.48 15.72
C THR A 191 10.71 15.42 15.30
N ASN A 192 11.79 15.87 14.67
CA ASN A 192 12.86 14.98 14.27
C ASN A 192 14.03 15.08 15.25
N THR A 193 14.50 13.94 15.73
CA THR A 193 15.47 13.93 16.83
C THR A 193 16.93 13.84 16.39
N GLY A 194 17.18 13.88 15.09
CA GLY A 194 18.53 14.05 14.59
C GLY A 194 19.22 12.75 14.20
N PHE A 195 20.49 12.86 13.86
CA PHE A 195 21.28 11.70 13.47
C PHE A 195 21.37 10.77 14.68
N ASP A 196 21.19 9.47 14.44
CA ASP A 196 21.22 8.45 15.49
C ASP A 196 22.42 7.54 15.28
N LEU A 197 23.46 7.70 16.09
CA LEU A 197 24.63 6.85 15.99
C LEU A 197 24.28 5.49 16.56
N LEU A 198 24.19 4.48 15.71
CA LEU A 198 23.85 3.15 16.20
C LEU A 198 25.03 2.47 16.85
N GLN A 199 26.19 2.60 16.23
CA GLN A 199 27.38 1.88 16.65
C GLN A 199 28.60 2.47 15.99
N GLY A 200 29.76 2.18 16.58
CA GLY A 200 31.03 2.55 15.99
C GLY A 200 31.34 4.03 16.13
N SER A 201 32.41 4.45 15.50
CA SER A 201 32.92 5.79 15.72
C SER A 201 31.90 6.87 15.33
N ALA A 202 31.80 7.88 16.17
CA ALA A 202 30.96 9.05 15.86
C ALA A 202 31.52 9.82 14.66
N GLN A 203 32.82 9.67 14.40
CA GLN A 203 33.46 10.36 13.27
CA GLN A 203 33.44 10.35 13.27
C GLN A 203 34.07 9.37 12.30
N PHE A 204 33.79 9.56 11.02
CA PHE A 204 34.39 8.76 9.95
C PHE A 204 34.31 9.54 8.63
N GLU A 205 35.05 9.10 7.62
CA GLU A 205 35.24 9.90 6.41
C GLU A 205 35.26 9.04 5.18
N GLY A 206 35.00 9.69 4.05
CA GLY A 206 35.14 9.06 2.75
C GLY A 206 34.15 9.63 1.75
N LYS A 207 34.33 9.31 0.48
CA LYS A 207 33.33 9.66 -0.53
C LYS A 207 32.09 8.79 -0.32
N ILE A 208 30.92 9.37 -0.57
CA ILE A 208 29.66 8.67 -0.41
C ILE A 208 29.17 8.12 -1.75
N LEU A 209 28.62 6.91 -1.71
CA LEU A 209 28.00 6.30 -2.88
C LEU A 209 26.93 5.36 -2.36
N GLY A 210 25.87 5.16 -3.13
CA GLY A 210 24.80 4.29 -2.69
C GLY A 210 23.47 4.79 -3.17
N GLY A 211 22.46 4.66 -2.32
CA GLY A 211 21.12 5.12 -2.63
C GLY A 211 20.08 4.19 -2.06
N CYS A 212 19.13 3.80 -2.90
CA CYS A 212 17.99 3.04 -2.42
C CYS A 212 18.33 1.56 -2.31
N LEU A 213 18.10 0.98 -1.12
CA LEU A 213 18.44 -0.40 -0.86
C LEU A 213 17.73 -1.35 -1.83
N GLU A 214 16.45 -1.12 -2.07
CA GLU A 214 15.68 -1.98 -2.99
C GLU A 214 16.24 -1.94 -4.41
N SER A 215 16.74 -0.78 -4.82
CA SER A 215 17.30 -0.64 -6.16
CA SER A 215 17.31 -0.62 -6.15
C SER A 215 18.60 -1.44 -6.26
N LEU A 216 19.49 -1.28 -5.27
CA LEU A 216 20.74 -2.00 -5.27
C LEU A 216 20.48 -3.51 -5.25
N TYR A 217 19.42 -3.92 -4.56
CA TYR A 217 19.09 -5.34 -4.47
C TYR A 217 18.86 -5.97 -5.84
N ASP A 218 18.25 -5.21 -6.75
CA ASP A 218 17.94 -5.73 -8.08
C ASP A 218 19.17 -5.95 -8.93
N ILE A 219 20.32 -5.43 -8.50
CA ILE A 219 21.58 -5.78 -9.15
C ILE A 219 21.89 -7.26 -8.91
N PHE A 220 21.45 -7.78 -7.77
CA PHE A 220 21.81 -9.13 -7.33
C PHE A 220 20.68 -10.15 -7.40
N ASP A 221 19.44 -9.65 -7.38
CA ASP A 221 18.27 -10.52 -7.36
C ASP A 221 17.30 -10.15 -8.49
N ASN A 222 16.85 -11.15 -9.22
CA ASN A 222 16.07 -10.90 -10.42
C ASN A 222 14.58 -11.19 -10.24
N SER A 223 14.10 -11.11 -8.99
CA SER A 223 12.68 -11.39 -8.73
C SER A 223 11.77 -10.32 -9.35
N ARG A 224 12.17 -9.07 -9.30
CA ARG A 224 11.37 -7.98 -9.85
C ARG A 224 11.35 -8.05 -11.38
N TYR A 225 12.56 -8.11 -11.95
CA TYR A 225 12.73 -8.21 -13.38
C TYR A 225 13.76 -9.31 -13.70
N ALA A 226 13.36 -10.27 -14.53
CA ALA A 226 14.17 -11.46 -14.73
C ALA A 226 15.58 -11.18 -15.26
N ASP A 227 15.75 -10.07 -15.98
CA ASP A 227 17.05 -9.78 -16.59
C ASP A 227 17.87 -8.71 -15.88
N SER A 228 17.42 -8.25 -14.71
CA SER A 228 18.14 -7.17 -14.04
C SER A 228 19.56 -7.60 -13.71
N THR A 229 19.72 -8.81 -13.19
CA THR A 229 21.03 -9.29 -12.77
C THR A 229 21.96 -9.51 -13.97
N GLU A 230 21.41 -10.06 -15.05
CA GLU A 230 22.18 -10.28 -16.27
C GLU A 230 22.73 -8.96 -16.83
N LEU A 231 21.86 -7.98 -16.98
CA LEU A 231 22.27 -6.70 -17.55
C LEU A 231 23.24 -5.97 -16.65
N CYS A 232 22.97 -5.96 -15.36
CA CYS A 232 23.85 -5.25 -14.43
C CYS A 232 25.24 -5.91 -14.35
N GLN A 233 25.30 -7.22 -14.48
CA GLN A 233 26.59 -7.91 -14.51
C GLN A 233 27.31 -7.70 -15.85
N LYS A 234 26.55 -7.75 -16.94
CA LYS A 234 27.14 -7.56 -18.26
C LYS A 234 27.85 -6.21 -18.35
N TYR A 235 27.23 -5.19 -17.77
CA TYR A 235 27.79 -3.84 -17.84
C TYR A 235 28.50 -3.45 -16.54
N LYS A 236 28.76 -4.44 -15.70
CA LYS A 236 29.56 -4.29 -14.48
C LYS A 236 29.15 -3.03 -13.74
N LEU A 237 27.87 -2.94 -13.40
CA LEU A 237 27.35 -1.74 -12.77
C LEU A 237 27.80 -1.58 -11.33
N PHE A 238 27.87 -2.67 -10.58
CA PHE A 238 28.21 -2.55 -9.15
C PHE A 238 29.71 -2.33 -9.01
N PRO A 239 30.12 -1.28 -8.29
CA PRO A 239 31.56 -1.04 -8.14
C PRO A 239 32.28 -2.22 -7.52
N ASP A 240 33.55 -2.40 -7.85
CA ASP A 240 34.31 -3.48 -7.23
C ASP A 240 34.80 -3.09 -5.83
N LEU A 241 35.35 -4.05 -5.10
CA LEU A 241 35.70 -3.80 -3.72
C LEU A 241 36.79 -2.76 -3.55
N SER A 242 37.72 -2.69 -4.51
CA SER A 242 38.77 -1.66 -4.45
C SER A 242 38.15 -0.28 -4.52
N ASP A 243 37.08 -0.17 -5.30
CA ASP A 243 36.35 1.09 -5.45
C ASP A 243 35.61 1.44 -4.15
N TRP A 244 34.95 0.45 -3.56
CA TRP A 244 34.20 0.67 -2.33
C TRP A 244 35.09 0.95 -1.14
N GLU A 245 36.33 0.46 -1.18
CA GLU A 245 37.17 0.54 0.00
C GLU A 245 37.40 1.98 0.41
N GLY A 246 37.09 2.29 1.66
CA GLY A 246 37.29 3.65 2.15
C GLY A 246 36.18 4.62 1.78
N LYS A 247 35.14 4.13 1.12
CA LYS A 247 33.96 4.95 0.86
C LYS A 247 32.97 4.83 2.00
N ILE A 248 32.01 5.75 2.02
CA ILE A 248 30.86 5.68 2.91
C ILE A 248 29.65 5.24 2.08
N LEU A 249 28.98 4.18 2.51
CA LEU A 249 27.78 3.70 1.83
C LEU A 249 26.53 4.40 2.35
N LEU A 250 25.68 4.85 1.43
CA LEU A 250 24.36 5.38 1.77
C LEU A 250 23.31 4.32 1.43
N LEU A 251 22.42 4.04 2.36
CA LEU A 251 21.25 3.20 2.11
C LEU A 251 19.99 3.90 2.58
N GLU A 252 18.93 3.80 1.80
CA GLU A 252 17.62 4.30 2.23
C GLU A 252 16.50 3.45 1.63
N THR A 253 15.39 3.32 2.35
CA THR A 253 14.29 2.47 1.92
C THR A 253 13.14 3.27 1.30
N SER A 254 12.40 2.61 0.41
CA SER A 254 11.45 3.27 -0.44
C SER A 254 10.02 3.15 0.10
N GLU A 255 9.07 3.63 -0.71
CA GLU A 255 7.66 3.56 -0.38
C GLU A 255 7.16 2.11 -0.31
N GLU A 256 7.95 1.19 -0.84
CA GLU A 256 7.64 -0.25 -0.71
C GLU A 256 7.77 -0.77 0.71
N LYS A 257 8.40 0.01 1.57
CA LYS A 257 8.45 -0.31 3.00
C LYS A 257 8.74 -1.79 3.24
N PRO A 258 9.94 -2.24 2.86
CA PRO A 258 10.28 -3.67 2.96
C PRO A 258 10.05 -4.19 4.36
N LYS A 259 9.35 -5.32 4.48
CA LYS A 259 9.13 -5.89 5.79
C LYS A 259 10.48 -6.25 6.41
N PRO A 260 10.56 -6.26 7.74
CA PRO A 260 11.86 -6.52 8.38
C PRO A 260 12.61 -7.73 7.83
N GLU A 261 11.94 -8.84 7.58
CA GLU A 261 12.61 -10.02 7.03
C GLU A 261 13.26 -9.74 5.67
N ASP A 262 12.59 -8.91 4.86
CA ASP A 262 13.10 -8.59 3.55
C ASP A 262 14.21 -7.56 3.61
N PHE A 263 14.11 -6.62 4.55
CA PHE A 263 15.18 -5.68 4.79
C PHE A 263 16.46 -6.44 5.16
N LYS A 264 16.33 -7.44 6.04
CA LYS A 264 17.48 -8.24 6.42
C LYS A 264 18.05 -9.03 5.24
N LYS A 265 17.18 -9.65 4.46
CA LYS A 265 17.59 -10.40 3.29
C LYS A 265 18.42 -9.51 2.37
N LEU A 267 20.06 -6.64 3.12
CA LEU A 267 21.34 -6.31 3.75
C LEU A 267 22.34 -7.46 3.65
N LEU A 268 21.86 -8.67 3.90
CA LEU A 268 22.74 -9.84 3.85
C LEU A 268 23.23 -10.12 2.43
N THR A 269 22.40 -9.83 1.43
CA THR A 269 22.84 -9.97 0.04
C THR A 269 24.00 -9.00 -0.24
N LEU A 270 23.88 -7.77 0.23
CA LEU A 270 25.00 -6.83 0.12
C LEU A 270 26.21 -7.31 0.94
N LYS A 271 25.96 -7.80 2.15
CA LYS A 271 27.07 -8.20 3.00
C LYS A 271 27.91 -9.27 2.31
N ASP A 272 27.25 -10.15 1.58
CA ASP A 272 27.97 -11.25 0.91
C ASP A 272 29.01 -10.76 -0.08
N THR A 273 28.84 -9.53 -0.57
CA THR A 273 29.79 -8.97 -1.55
C THR A 273 31.09 -8.51 -0.93
N GLY A 274 31.08 -8.30 0.39
CA GLY A 274 32.23 -7.72 1.07
C GLY A 274 32.14 -6.22 1.26
N ILE A 275 31.10 -5.59 0.74
CA ILE A 275 31.00 -4.14 0.81
C ILE A 275 31.09 -3.62 2.25
N PHE A 276 30.41 -4.25 3.19
CA PHE A 276 30.40 -3.73 4.55
C PHE A 276 31.76 -3.92 5.20
N ALA A 277 32.57 -4.81 4.65
CA ALA A 277 33.89 -5.07 5.20
C ALA A 277 34.93 -4.01 4.82
N VAL A 278 34.73 -3.34 3.69
CA VAL A 278 35.73 -2.40 3.19
C VAL A 278 35.39 -0.92 3.34
N ILE A 279 34.11 -0.61 3.54
CA ILE A 279 33.69 0.78 3.65
C ILE A 279 34.16 1.37 4.98
N ASN A 280 34.20 2.70 5.06
CA ASN A 280 34.54 3.38 6.32
C ASN A 280 33.35 3.66 7.20
N GLY A 281 32.14 3.50 6.66
CA GLY A 281 30.95 3.67 7.47
C GLY A 281 29.70 3.61 6.63
N LEU A 282 28.56 3.64 7.31
CA LEU A 282 27.26 3.49 6.68
C LEU A 282 26.29 4.56 7.19
N LEU A 283 25.63 5.22 6.23
CA LEU A 283 24.59 6.22 6.49
C LEU A 283 23.27 5.62 6.05
N VAL A 284 22.27 5.72 6.92
CA VAL A 284 20.96 5.15 6.59
C VAL A 284 19.87 6.19 6.80
N GLY A 285 19.05 6.36 5.78
CA GLY A 285 17.97 7.33 5.83
C GLY A 285 16.79 6.86 6.67
N LYS A 286 16.04 7.82 7.17
CA LYS A 286 14.78 7.54 7.86
C LYS A 286 13.81 6.85 6.90
N PRO A 287 13.20 5.73 7.32
CA PRO A 287 12.19 5.13 6.42
C PRO A 287 10.97 6.02 6.23
N ASP A 289 7.45 7.38 6.59
CA ASP A 289 6.48 7.26 7.69
C ASP A 289 7.11 6.66 8.95
N GLU A 290 8.43 6.55 8.99
CA GLU A 290 9.14 5.81 10.03
C GLU A 290 8.61 4.38 10.16
N THR A 291 8.08 3.86 9.06
CA THR A 291 7.59 2.49 9.08
C THR A 291 8.75 1.53 9.29
N PHE A 292 8.59 0.63 10.25
CA PHE A 292 9.62 -0.36 10.61
C PHE A 292 10.92 0.30 11.13
N HIS A 293 10.81 1.52 11.63
CA HIS A 293 12.00 2.26 12.09
C HIS A 293 12.84 1.46 13.09
N ASP A 294 12.19 0.95 14.13
CA ASP A 294 12.95 0.23 15.16
C ASP A 294 13.41 -1.14 14.66
N ASP A 295 12.62 -1.75 13.80
CA ASP A 295 12.97 -3.07 13.27
C ASP A 295 14.24 -2.98 12.43
N TYR A 296 14.34 -1.95 11.59
CA TYR A 296 15.53 -1.78 10.76
C TYR A 296 16.76 -1.52 11.62
N LYS A 297 16.61 -0.71 12.66
CA LYS A 297 17.71 -0.42 13.57
C LYS A 297 18.24 -1.72 14.18
N GLU A 298 17.34 -2.57 14.65
CA GLU A 298 17.76 -3.83 15.24
C GLU A 298 18.44 -4.74 14.22
N ALA A 299 17.91 -4.76 13.00
CA ALA A 299 18.48 -5.55 11.91
C ALA A 299 19.92 -5.10 11.57
N LEU A 300 20.12 -3.79 11.49
CA LEU A 300 21.43 -3.23 11.23
C LEU A 300 22.43 -3.63 12.32
N LEU A 301 22.03 -3.47 13.58
CA LEU A 301 22.90 -3.85 14.70
C LEU A 301 23.23 -5.34 14.70
N ASP A 302 22.29 -6.16 14.27
CA ASP A 302 22.46 -7.59 14.28
C ASP A 302 23.38 -8.09 13.17
N ILE A 303 23.28 -7.47 12.01
CA ILE A 303 23.91 -7.97 10.80
C ILE A 303 25.29 -7.38 10.54
N ILE A 304 25.46 -6.11 10.89
CA ILE A 304 26.73 -5.42 10.61
C ILE A 304 27.65 -5.37 11.83
N ASP A 305 28.86 -5.89 11.71
CA ASP A 305 29.81 -5.93 12.83
C ASP A 305 29.94 -4.56 13.49
N SER A 306 30.03 -4.56 14.82
CA SER A 306 29.80 -3.34 15.59
C SER A 306 30.93 -2.33 15.52
N ASN A 307 32.06 -2.68 14.90
CA ASN A 307 33.12 -1.70 14.68
C ASN A 307 32.91 -0.86 13.43
N ILE A 308 31.97 -1.23 12.58
CA ILE A 308 31.66 -0.41 11.40
C ILE A 308 30.70 0.70 11.84
N PRO A 309 31.07 1.98 11.68
CA PRO A 309 30.12 3.02 12.10
C PRO A 309 28.82 2.99 11.30
N ILE A 310 27.69 3.16 11.99
CA ILE A 310 26.41 3.32 11.33
C ILE A 310 25.69 4.53 11.93
N VAL A 311 25.28 5.45 11.07
CA VAL A 311 24.49 6.61 11.49
C VAL A 311 23.15 6.50 10.79
N TYR A 312 22.09 6.47 11.60
CA TYR A 312 20.74 6.22 11.13
C TYR A 312 19.93 7.51 11.24
N ASN A 313 18.71 7.46 10.71
CA ASN A 313 17.79 8.59 10.80
C ASN A 313 18.20 9.83 10.00
N LEU A 314 18.99 9.67 8.96
CA LEU A 314 19.29 10.81 8.09
C LEU A 314 18.01 11.24 7.39
N ASN A 315 17.85 12.55 7.17
CA ASN A 315 16.74 13.04 6.36
C ASN A 315 17.13 13.00 4.89
N VAL A 316 17.41 11.80 4.43
CA VAL A 316 17.77 11.52 3.05
C VAL A 316 16.99 10.29 2.65
N GLY A 317 16.36 10.34 1.47
CA GLY A 317 15.62 9.21 0.97
C GLY A 317 14.15 9.51 0.82
N HIS A 318 13.32 8.56 1.22
CA HIS A 318 11.90 8.64 0.92
C HIS A 318 11.03 9.31 1.96
N ALA A 319 11.52 9.46 3.18
CA ALA A 319 10.79 10.29 4.14
C ALA A 319 10.98 11.73 3.70
N THR A 320 10.25 12.65 4.31
CA THR A 320 10.42 14.07 4.00
C THR A 320 10.73 14.80 5.31
N PRO A 321 11.36 15.98 5.25
CA PRO A 321 11.92 16.61 4.05
C PRO A 321 13.20 15.90 3.63
N ARG A 322 13.87 16.43 2.59
CA ARG A 322 14.96 15.72 1.93
C ARG A 322 16.18 16.58 1.73
N ALA A 323 17.31 16.12 2.27
CA ALA A 323 18.60 16.74 1.98
C ALA A 323 19.16 16.17 0.66
N ILE A 324 20.14 16.87 0.11
CA ILE A 324 20.83 16.42 -1.09
C ILE A 324 22.24 15.99 -0.69
N VAL A 325 22.63 14.80 -1.13
CA VAL A 325 23.93 14.23 -0.81
C VAL A 325 24.83 14.18 -2.06
N PRO A 326 25.92 14.94 -2.07
CA PRO A 326 26.88 14.77 -3.17
C PRO A 326 27.51 13.38 -3.08
N PHE A 327 27.62 12.71 -4.21
CA PHE A 327 28.39 11.48 -4.35
C PHE A 327 29.74 11.81 -4.97
N GLY A 328 30.75 11.02 -4.61
CA GLY A 328 32.08 11.19 -5.19
C GLY A 328 32.87 12.36 -4.63
N VAL A 329 32.40 12.88 -3.51
CA VAL A 329 33.05 14.01 -2.84
C VAL A 329 33.36 13.62 -1.39
N HIS A 330 34.61 13.82 -0.98
CA HIS A 330 35.04 13.39 0.35
C HIS A 330 34.16 14.02 1.42
N ALA A 331 33.59 13.18 2.28
CA ALA A 331 32.73 13.63 3.36
C ALA A 331 33.34 13.33 4.73
N HIS A 332 33.07 14.21 5.67
CA HIS A 332 33.43 13.99 7.06
CA HIS A 332 33.45 14.04 7.06
C HIS A 332 32.16 13.97 7.88
N VAL A 333 31.88 12.80 8.46
CA VAL A 333 30.67 12.63 9.27
C VAL A 333 31.02 12.82 10.75
N ASP A 334 30.20 13.57 11.47
CA ASP A 334 30.35 13.67 12.93
C ASP A 334 28.97 13.56 13.56
N ALA A 335 28.63 12.37 14.04
CA ALA A 335 27.31 12.12 14.58
C ALA A 335 27.11 12.88 15.88
N GLN A 336 28.16 13.07 16.66
CA GLN A 336 28.04 13.77 17.92
C GLN A 336 27.64 15.22 17.67
N GLU A 337 28.26 15.82 16.67
CA GLU A 337 28.02 17.23 16.32
C GLU A 337 26.94 17.42 15.25
N GLN A 338 26.25 16.35 14.92
CA GLN A 338 25.08 16.41 14.04
C GLN A 338 25.39 17.12 12.74
N VAL A 339 26.46 16.67 12.06
CA VAL A 339 26.84 17.29 10.81
C VAL A 339 27.62 16.35 9.91
N ILE A 340 27.44 16.54 8.60
CA ILE A 340 28.27 15.90 7.57
C ILE A 340 28.84 17.04 6.73
N LEU A 341 30.17 17.12 6.65
CA LEU A 341 30.83 18.15 5.86
C LEU A 341 31.36 17.58 4.56
N PHE A 342 31.31 18.38 3.49
CA PHE A 342 31.89 17.96 2.23
C PHE A 342 33.10 18.80 1.85
N ASP A 343 34.18 18.10 1.50
CA ASP A 343 35.44 18.75 1.17
C ASP A 343 35.75 18.49 -0.30
N TYR A 344 35.65 19.55 -1.09
CA TYR A 344 35.83 19.45 -2.53
C TYR A 344 37.30 19.57 -2.91
N ASN A 345 38.17 19.67 -1.91
CA ASN A 345 39.61 19.82 -2.10
C ASN A 345 40.37 18.75 -1.32
N LYS A 346 39.77 17.57 -1.20
CA LYS A 346 40.41 16.43 -0.54
C LYS A 346 40.06 15.13 -1.27
N VAL B 5 1.35 -5.98 -1.86
CA VAL B 5 0.49 -4.81 -1.75
C VAL B 5 1.23 -3.64 -1.09
N SER B 6 1.09 -2.46 -1.69
CA SER B 6 1.69 -1.26 -1.16
C SER B 6 0.63 -0.20 -0.88
N THR B 7 -0.04 0.26 -1.92
CA THR B 7 -1.08 1.27 -1.73
CA THR B 7 -1.08 1.28 -1.76
C THR B 7 -2.43 0.63 -1.52
N ILE B 8 -3.17 1.17 -0.56
CA ILE B 8 -4.48 0.61 -0.20
C ILE B 8 -5.46 1.78 -0.24
N GLY B 9 -6.45 1.67 -1.12
CA GLY B 9 -7.43 2.72 -1.30
C GLY B 9 -8.68 2.47 -0.46
N ILE B 10 -9.08 3.49 0.29
CA ILE B 10 -10.27 3.38 1.13
C ILE B 10 -11.48 4.00 0.43
N VAL B 11 -12.58 3.25 0.36
CA VAL B 11 -13.80 3.71 -0.27
C VAL B 11 -14.99 3.58 0.66
N SER B 12 -15.90 4.53 0.55
CA SER B 12 -17.15 4.52 1.31
C SER B 12 -18.27 4.19 0.36
N LEU B 13 -18.68 2.92 0.35
CA LEU B 13 -19.72 2.50 -0.58
C LEU B 13 -21.08 2.35 0.10
N SER B 14 -21.12 2.45 1.42
CA SER B 14 -22.36 2.31 2.16
C SER B 14 -22.58 3.55 3.01
N SER B 15 -22.35 3.47 4.32
CA SER B 15 -22.45 4.64 5.17
C SER B 15 -21.29 5.60 4.94
N GLY B 16 -21.57 6.89 5.03
CA GLY B 16 -20.55 7.92 4.89
C GLY B 16 -19.90 8.34 6.19
N ILE B 17 -20.05 7.52 7.23
CA ILE B 17 -19.66 7.90 8.58
C ILE B 17 -18.18 8.25 8.77
N ILE B 18 -17.26 7.67 8.00
CA ILE B 18 -15.84 7.86 8.36
C ILE B 18 -15.35 9.29 8.14
N GLY B 19 -16.13 10.09 7.43
CA GLY B 19 -15.80 11.51 7.27
C GLY B 19 -16.28 12.42 8.38
N GLU B 20 -17.03 11.87 9.34
CA GLU B 20 -17.60 12.68 10.41
C GLU B 20 -16.61 12.96 11.54
N ASP B 21 -16.71 14.15 12.13
CA ASP B 21 -15.75 14.57 13.13
C ASP B 21 -15.70 13.62 14.34
N PHE B 22 -16.83 13.02 14.70
CA PHE B 22 -16.87 12.20 15.91
C PHE B 22 -16.19 10.83 15.77
N VAL B 23 -15.75 10.47 14.57
CA VAL B 23 -14.93 9.25 14.42
C VAL B 23 -13.53 9.56 13.94
N LYS B 24 -13.15 10.83 13.98
CA LYS B 24 -11.83 11.23 13.47
C LYS B 24 -10.72 10.49 14.23
N HIS B 25 -10.92 10.27 15.53
CA HIS B 25 -9.91 9.62 16.37
C HIS B 25 -9.70 8.16 15.94
N GLU B 26 -10.77 7.53 15.50
CA GLU B 26 -10.69 6.17 14.97
C GLU B 26 -9.98 6.16 13.63
N VAL B 27 -10.35 7.08 12.75
CA VAL B 27 -9.79 7.11 11.41
C VAL B 27 -8.29 7.39 11.45
N ASP B 28 -7.87 8.35 12.27
CA ASP B 28 -6.45 8.69 12.36
C ASP B 28 -5.64 7.49 12.87
N LEU B 29 -6.21 6.77 13.83
CA LEU B 29 -5.55 5.57 14.37
C LEU B 29 -5.39 4.52 13.28
N GLY B 30 -6.45 4.30 12.50
CA GLY B 30 -6.43 3.33 11.43
C GLY B 30 -5.42 3.66 10.36
N ILE B 31 -5.32 4.94 10.01
CA ILE B 31 -4.33 5.38 9.02
C ILE B 31 -2.92 5.10 9.53
N GLN B 32 -2.64 5.44 10.79
CA GLN B 32 -1.34 5.13 11.37
C GLN B 32 -1.06 3.64 11.34
N ARG B 33 -2.07 2.81 11.60
CA ARG B 33 -1.85 1.38 11.60
C ARG B 33 -1.50 0.85 10.22
N LEU B 34 -2.21 1.32 9.20
CA LEU B 34 -1.92 0.87 7.84
C LEU B 34 -0.50 1.27 7.46
N LYS B 35 -0.10 2.49 7.81
CA LYS B 35 1.27 2.91 7.54
C LYS B 35 2.26 2.00 8.29
N ASP B 36 2.01 1.75 9.57
CA ASP B 36 2.89 0.91 10.39
C ASP B 36 3.01 -0.52 9.87
N LEU B 37 1.98 -1.00 9.18
CA LEU B 37 1.98 -2.35 8.63
C LEU B 37 2.75 -2.45 7.31
N GLY B 38 3.26 -1.32 6.82
CA GLY B 38 4.05 -1.30 5.61
C GLY B 38 3.26 -0.90 4.38
N LEU B 39 2.10 -0.27 4.59
CA LEU B 39 1.24 0.15 3.49
C LEU B 39 1.18 1.66 3.37
N ASN B 40 0.61 2.12 2.27
CA ASN B 40 0.40 3.55 2.04
C ASN B 40 -1.07 3.79 1.71
N PRO B 41 -1.84 4.21 2.72
CA PRO B 41 -3.28 4.33 2.50
C PRO B 41 -3.64 5.59 1.76
N ILE B 42 -4.67 5.52 0.94
CA ILE B 42 -5.18 6.73 0.31
C ILE B 42 -6.69 6.69 0.33
N PHE B 43 -7.27 7.87 0.45
CA PHE B 43 -8.70 8.03 0.44
C PHE B 43 -9.14 8.40 -0.97
N LEU B 44 -10.12 7.67 -1.51
CA LEU B 44 -10.67 8.05 -2.79
C LEU B 44 -11.44 9.37 -2.60
N PRO B 45 -11.62 10.15 -3.68
CA PRO B 45 -12.04 11.56 -3.57
C PRO B 45 -13.36 11.81 -2.82
N HIS B 46 -14.33 10.90 -2.91
CA HIS B 46 -15.62 11.13 -2.28
C HIS B 46 -15.73 10.51 -0.91
N SER B 47 -14.73 9.70 -0.54
CA SER B 47 -14.86 8.78 0.58
C SER B 47 -15.04 9.45 1.94
N LEU B 48 -14.60 10.69 2.09
CA LEU B 48 -14.65 11.37 3.38
C LEU B 48 -15.69 12.50 3.42
N LYS B 49 -16.62 12.51 2.47
CA LYS B 49 -17.54 13.64 2.38
C LYS B 49 -18.67 13.64 3.42
N GLY B 50 -18.83 12.53 4.13
CA GLY B 50 -19.71 12.50 5.29
C GLY B 50 -21.02 11.78 5.06
N LEU B 51 -21.78 11.64 6.13
CA LEU B 51 -23.02 10.88 6.13
C LEU B 51 -24.01 11.37 5.08
N ASP B 52 -24.32 12.67 5.12
CA ASP B 52 -25.38 13.20 4.27
C ASP B 52 -25.05 13.09 2.78
N PHE B 53 -23.84 13.49 2.40
CA PHE B 53 -23.48 13.46 0.98
C PHE B 53 -23.46 12.04 0.43
N ILE B 54 -22.81 11.15 1.17
CA ILE B 54 -22.67 9.77 0.70
C ILE B 54 -24.06 9.12 0.60
N LYS B 55 -24.95 9.41 1.55
CA LYS B 55 -26.31 8.86 1.50
C LYS B 55 -27.04 9.34 0.25
N ASP B 56 -26.88 10.61 -0.09
CA ASP B 56 -27.66 11.20 -1.17
C ASP B 56 -27.03 11.00 -2.54
N HIS B 57 -25.79 10.51 -2.58
CA HIS B 57 -25.10 10.41 -3.86
C HIS B 57 -24.45 9.06 -4.10
N PRO B 58 -25.28 8.03 -4.27
CA PRO B 58 -24.74 6.71 -4.60
C PRO B 58 -23.89 6.74 -5.88
N GLU B 59 -24.19 7.67 -6.77
CA GLU B 59 -23.45 7.75 -8.02
C GLU B 59 -21.99 8.19 -7.76
N ALA B 60 -21.78 8.96 -6.69
CA ALA B 60 -20.42 9.33 -6.27
C ALA B 60 -19.68 8.14 -5.67
N ARG B 61 -20.38 7.35 -4.86
CA ARG B 61 -19.81 6.13 -4.33
C ARG B 61 -19.34 5.22 -5.47
N ALA B 62 -20.19 5.09 -6.48
CA ALA B 62 -19.86 4.27 -7.64
C ALA B 62 -18.63 4.82 -8.37
N GLU B 63 -18.54 6.14 -8.50
CA GLU B 63 -17.39 6.76 -9.15
C GLU B 63 -16.10 6.41 -8.42
N ASP B 64 -16.16 6.45 -7.08
CA ASP B 64 -14.99 6.09 -6.27
C ASP B 64 -14.59 4.63 -6.51
N LEU B 65 -15.56 3.73 -6.60
CA LEU B 65 -15.25 2.32 -6.82
C LEU B 65 -14.64 2.10 -8.21
N ILE B 66 -15.23 2.72 -9.22
CA ILE B 66 -14.70 2.64 -10.58
C ILE B 66 -13.26 3.17 -10.62
N HIS B 67 -13.03 4.33 -10.00
CA HIS B 67 -11.70 4.94 -9.85
CA HIS B 67 -11.68 4.88 -9.95
C HIS B 67 -10.72 3.97 -9.18
N ALA B 68 -11.15 3.36 -8.09
CA ALA B 68 -10.27 2.48 -7.33
C ALA B 68 -9.83 1.26 -8.13
N PHE B 69 -10.73 0.73 -8.96
CA PHE B 69 -10.40 -0.42 -9.78
C PHE B 69 -9.59 -0.04 -11.02
N SER B 70 -9.79 1.17 -11.52
CA SER B 70 -9.13 1.57 -12.77
C SER B 70 -7.73 2.14 -12.55
N ASP B 71 -7.47 2.63 -11.34
CA ASP B 71 -6.18 3.26 -11.06
C ASP B 71 -5.15 2.18 -10.73
N ASP B 72 -4.19 1.99 -11.62
CA ASP B 72 -3.17 0.96 -11.44
C ASP B 72 -2.26 1.21 -10.25
N SER B 73 -2.24 2.44 -9.75
CA SER B 73 -1.41 2.75 -8.60
C SER B 73 -2.03 2.24 -7.30
N ILE B 74 -3.31 1.89 -7.33
CA ILE B 74 -3.99 1.36 -6.15
C ILE B 74 -3.99 -0.17 -6.17
N ASP B 75 -3.34 -0.77 -5.17
CA ASP B 75 -3.06 -2.20 -5.15
C ASP B 75 -4.17 -3.01 -4.48
N ILE B 77 -8.27 -2.50 -2.37
CA ILE B 77 -9.40 -1.66 -2.03
C ILE B 77 -10.01 -2.14 -0.72
N LEU B 78 -10.10 -1.24 0.24
CA LEU B 78 -10.64 -1.56 1.55
C LEU B 78 -11.88 -0.74 1.80
N CYS B 79 -13.01 -1.39 2.07
CA CYS B 79 -14.23 -0.67 2.39
C CYS B 79 -14.11 0.02 3.75
N ALA B 80 -14.61 1.24 3.83
CA ALA B 80 -14.55 2.03 5.05
C ALA B 80 -15.37 1.38 6.15
N ILE B 81 -16.55 0.94 5.79
CA ILE B 81 -17.53 0.47 6.74
C ILE B 81 -18.77 0.05 5.96
N GLY B 82 -19.67 -0.69 6.60
CA GLY B 82 -20.93 -1.07 5.96
C GLY B 82 -22.00 0.00 6.06
N GLY B 83 -23.25 -0.44 6.06
CA GLY B 83 -24.39 0.45 5.98
C GLY B 83 -25.59 -0.40 5.60
N ASP B 84 -26.44 0.10 4.71
CA ASP B 84 -27.60 -0.71 4.33
C ASP B 84 -28.20 -0.40 2.97
N ASP B 85 -27.48 0.37 2.14
CA ASP B 85 -28.06 0.80 0.88
C ASP B 85 -27.13 0.80 -0.34
N THR B 86 -26.04 0.03 -0.31
CA THR B 86 -25.11 0.04 -1.44
C THR B 86 -25.73 -0.55 -2.71
N TYR B 87 -26.85 -1.27 -2.59
CA TYR B 87 -27.56 -1.75 -3.77
C TYR B 87 -27.88 -0.58 -4.72
N ARG B 88 -27.97 0.63 -4.19
CA ARG B 88 -28.32 1.79 -5.00
C ARG B 88 -27.25 2.11 -6.04
N LEU B 89 -26.05 1.55 -5.87
CA LEU B 89 -24.97 1.80 -6.82
C LEU B 89 -25.19 1.07 -8.14
N LEU B 90 -26.09 0.09 -8.15
CA LEU B 90 -26.22 -0.80 -9.30
C LEU B 90 -26.27 -0.10 -10.65
N PRO B 91 -27.18 0.89 -10.83
CA PRO B 91 -27.27 1.42 -12.20
C PRO B 91 -26.01 2.19 -12.62
N TYR B 92 -25.33 2.78 -11.66
CA TYR B 92 -24.14 3.59 -11.95
C TYR B 92 -22.93 2.70 -12.25
N LEU B 93 -23.04 1.41 -11.93
CA LEU B 93 -21.97 0.45 -12.20
C LEU B 93 -22.29 -0.49 -13.38
N PHE B 94 -23.57 -0.75 -13.64
CA PHE B 94 -23.94 -1.75 -14.63
C PHE B 94 -24.78 -1.28 -15.84
N GLU B 95 -25.47 -0.16 -15.74
CA GLU B 95 -26.41 0.20 -16.82
C GLU B 95 -25.68 0.39 -18.16
N ASN B 96 -24.48 0.97 -18.12
CA ASN B 96 -23.65 1.14 -19.30
CA ASN B 96 -23.65 1.15 -19.30
C ASN B 96 -22.30 0.45 -19.12
N ASP B 97 -22.30 -0.65 -18.39
CA ASP B 97 -21.10 -1.46 -18.14
C ASP B 97 -19.94 -0.64 -17.58
N GLN B 98 -20.25 0.34 -16.74
CA GLN B 98 -19.23 1.29 -16.29
C GLN B 98 -18.11 0.60 -15.53
N LEU B 99 -18.47 -0.32 -14.64
CA LEU B 99 -17.46 -1.02 -13.84
C LEU B 99 -16.74 -2.07 -14.69
N GLN B 100 -17.49 -2.81 -15.50
CA GLN B 100 -16.89 -3.87 -16.31
C GLN B 100 -15.79 -3.30 -17.22
N LYS B 101 -15.95 -2.06 -17.68
CA LYS B 101 -15.00 -1.51 -18.62
C LYS B 101 -13.63 -1.25 -17.99
N VAL B 102 -13.60 -1.09 -16.67
CA VAL B 102 -12.35 -0.83 -15.96
C VAL B 102 -11.94 -1.95 -14.99
N ILE B 103 -12.77 -2.98 -14.86
CA ILE B 103 -12.55 -3.99 -13.81
C ILE B 103 -11.24 -4.76 -14.01
N LYS B 104 -10.64 -5.14 -12.89
CA LYS B 104 -9.44 -5.94 -12.90
C LYS B 104 -9.39 -6.73 -11.60
N GLN B 105 -8.62 -7.82 -11.60
CA GLN B 105 -8.47 -8.59 -10.38
C GLN B 105 -7.52 -7.81 -9.46
N LYS B 106 -8.09 -7.35 -8.36
CA LYS B 106 -7.40 -6.54 -7.39
C LYS B 106 -8.10 -6.85 -6.05
N ILE B 107 -7.34 -6.94 -4.95
CA ILE B 107 -7.92 -7.29 -3.66
C ILE B 107 -8.99 -6.29 -3.27
N PHE B 108 -10.17 -6.81 -2.91
CA PHE B 108 -11.30 -6.01 -2.45
C PHE B 108 -11.83 -6.67 -1.17
N LEU B 109 -11.82 -5.90 -0.07
CA LEU B 109 -12.13 -6.43 1.24
C LEU B 109 -13.21 -5.59 1.92
N GLY B 110 -14.26 -6.25 2.42
CA GLY B 110 -15.31 -5.59 3.19
C GLY B 110 -16.32 -6.61 3.71
N PHE B 111 -17.26 -6.19 4.54
CA PHE B 111 -18.33 -7.11 4.99
C PHE B 111 -19.65 -6.38 5.26
N SER B 112 -20.66 -7.12 5.68
CA SER B 112 -21.99 -6.59 5.99
C SER B 112 -22.69 -6.10 4.72
N ASP B 113 -23.11 -4.84 4.64
CA ASP B 113 -23.77 -4.32 3.42
C ASP B 113 -22.89 -4.58 2.19
N THR B 114 -21.59 -4.66 2.41
CA THR B 114 -20.64 -4.87 1.31
C THR B 114 -20.90 -6.21 0.63
N THR B 115 -21.65 -7.08 1.30
CA THR B 115 -22.14 -8.31 0.68
C THR B 115 -22.67 -8.04 -0.73
N ASN B 117 -21.86 -5.58 -2.74
CA ASN B 117 -20.75 -5.30 -3.64
C ASN B 117 -20.01 -6.60 -4.01
N HIS B 118 -19.88 -7.52 -3.05
CA HIS B 118 -19.26 -8.81 -3.35
C HIS B 118 -20.04 -9.54 -4.46
N LEU B 119 -21.37 -9.50 -4.39
CA LEU B 119 -22.15 -10.11 -5.45
C LEU B 119 -21.96 -9.39 -6.79
N LEU B 121 -19.24 -7.82 -7.80
CA LEU B 121 -17.92 -8.18 -8.29
C LEU B 121 -17.86 -9.64 -8.76
N HIS B 122 -18.57 -10.51 -8.07
CA HIS B 122 -18.68 -11.90 -8.50
C HIS B 122 -19.28 -11.98 -9.92
N LYS B 123 -20.26 -11.13 -10.17
CA LYS B 123 -20.93 -11.10 -11.45
C LYS B 123 -19.96 -10.74 -12.58
N LEU B 124 -18.90 -10.01 -12.23
CA LEU B 124 -17.87 -9.60 -13.18
C LEU B 124 -16.63 -10.52 -13.15
N GLY B 125 -16.72 -11.62 -12.41
CA GLY B 125 -15.70 -12.65 -12.44
C GLY B 125 -14.52 -12.39 -11.52
N ILE B 126 -14.69 -11.45 -10.60
CA ILE B 126 -13.65 -11.09 -9.65
C ILE B 126 -13.77 -11.93 -8.38
N LYS B 127 -12.62 -12.40 -7.89
CA LYS B 127 -12.53 -13.12 -6.62
C LYS B 127 -12.26 -12.10 -5.51
N THR B 128 -13.16 -12.01 -4.53
CA THR B 128 -13.07 -10.97 -3.50
C THR B 128 -12.83 -11.58 -2.12
N PHE B 129 -12.72 -10.71 -1.11
CA PHE B 129 -12.42 -11.14 0.26
C PHE B 129 -13.42 -10.58 1.26
N TYR B 130 -14.05 -11.47 2.02
CA TYR B 130 -15.09 -11.10 2.96
C TYR B 130 -14.60 -11.07 4.40
N GLY B 131 -15.01 -10.06 5.16
CA GLY B 131 -14.99 -10.22 6.61
C GLY B 131 -14.37 -9.14 7.46
N GLN B 132 -13.70 -8.16 6.85
CA GLN B 132 -13.15 -7.06 7.62
C GLN B 132 -13.37 -5.74 6.90
N SER B 133 -13.32 -4.66 7.66
CA SER B 133 -13.37 -3.32 7.07
C SER B 133 -12.45 -2.38 7.82
N PHE B 134 -12.23 -1.19 7.24
CA PHE B 134 -11.33 -0.22 7.84
C PHE B 134 -11.77 0.17 9.26
N LEU B 135 -12.99 0.67 9.40
CA LEU B 135 -13.41 1.19 10.70
C LEU B 135 -13.60 0.07 11.71
N ALA B 136 -14.13 -1.06 11.28
CA ALA B 136 -14.44 -2.13 12.23
C ALA B 136 -13.19 -2.82 12.78
N ASP B 137 -12.16 -2.95 11.95
CA ASP B 137 -11.06 -3.83 12.27
C ASP B 137 -9.71 -3.12 12.34
N ILE B 138 -9.43 -2.33 11.32
CA ILE B 138 -8.16 -1.59 11.31
C ILE B 138 -8.14 -0.50 12.38
N CYS B 139 -9.30 0.08 12.65
CA CYS B 139 -9.44 1.12 13.67
C CYS B 139 -9.82 0.60 15.06
N GLU B 140 -9.53 -0.67 15.33
CA GLU B 140 -9.74 -1.24 16.66
C GLU B 140 -9.16 -0.30 17.71
N LEU B 141 -9.94 0.01 18.75
CA LEU B 141 -9.55 1.06 19.68
C LEU B 141 -8.52 0.65 20.74
N ASP B 142 -8.30 -0.65 20.93
CA ASP B 142 -7.28 -1.07 21.91
C ASP B 142 -5.92 -0.66 21.39
N LYS B 143 -4.88 -0.85 22.19
CA LYS B 143 -3.53 -0.46 21.77
C LYS B 143 -3.15 -1.07 20.43
N GLU B 144 -3.52 -2.33 20.25
CA GLU B 144 -3.22 -3.05 19.01
C GLU B 144 -4.49 -3.63 18.42
N LEU B 146 -6.88 -6.61 17.17
CA LEU B 146 -7.12 -7.94 17.74
C LEU B 146 -6.23 -8.97 17.04
N ALA B 147 -5.55 -9.80 17.83
CA ALA B 147 -4.51 -10.67 17.28
C ALA B 147 -5.03 -11.53 16.13
N TYR B 148 -6.20 -12.13 16.32
CA TYR B 148 -6.74 -13.03 15.30
C TYR B 148 -7.10 -12.28 14.02
N SER B 149 -7.76 -11.13 14.16
CA SER B 149 -8.07 -10.30 13.00
C SER B 149 -6.78 -9.88 12.27
N LEU B 150 -5.76 -9.50 13.03
CA LEU B 150 -4.48 -9.06 12.45
C LEU B 150 -3.81 -10.18 11.67
N HIS B 151 -3.89 -11.40 12.20
CA HIS B 151 -3.34 -12.56 11.51
C HIS B 151 -3.86 -12.65 10.08
N TYR B 152 -5.18 -12.53 9.92
CA TYR B 152 -5.79 -12.64 8.59
C TYR B 152 -5.46 -11.44 7.71
N PHE B 153 -5.53 -10.24 8.28
CA PHE B 153 -5.25 -9.05 7.48
C PHE B 153 -3.80 -9.04 7.00
N LYS B 154 -2.87 -9.37 7.90
CA LYS B 154 -1.45 -9.42 7.54
C LYS B 154 -1.20 -10.48 6.48
N GLU B 155 -1.82 -11.65 6.61
CA GLU B 155 -1.62 -12.70 5.62
C GLU B 155 -2.10 -12.22 4.25
N LEU B 156 -3.22 -11.51 4.22
CA LEU B 156 -3.79 -11.05 2.96
C LEU B 156 -2.88 -10.01 2.28
N ILE B 157 -2.44 -9.01 3.02
CA ILE B 157 -1.61 -7.98 2.42
C ILE B 157 -0.25 -8.52 1.99
N GLU B 158 0.24 -9.56 2.67
CA GLU B 158 1.57 -10.08 2.37
C GLU B 158 1.57 -11.08 1.24
N THR B 159 0.51 -11.86 1.13
CA THR B 159 0.48 -12.99 0.20
C THR B 159 -0.61 -12.90 -0.85
N GLY B 160 -1.59 -12.02 -0.63
CA GLY B 160 -2.73 -11.89 -1.52
C GLY B 160 -3.70 -13.04 -1.38
N ARG B 161 -3.49 -13.87 -0.36
CA ARG B 161 -4.28 -15.08 -0.17
C ARG B 161 -4.58 -15.32 1.30
N ILE B 162 -5.58 -16.16 1.56
CA ILE B 162 -5.81 -16.76 2.87
C ILE B 162 -5.70 -18.29 2.74
N SER B 163 -4.74 -18.89 3.43
CA SER B 163 -4.50 -20.32 3.25
C SER B 163 -5.53 -21.20 3.94
N GLU B 164 -5.96 -20.80 5.13
CA GLU B 164 -6.89 -21.59 5.92
C GLU B 164 -7.52 -20.74 7.00
N ILE B 165 -8.65 -21.22 7.51
CA ILE B 165 -9.29 -20.62 8.68
C ILE B 165 -9.45 -21.67 9.76
N ARG B 166 -9.05 -21.33 10.98
CA ARG B 166 -9.31 -22.16 12.15
C ARG B 166 -9.98 -21.27 13.19
N PRO B 167 -10.72 -21.86 14.13
CA PRO B 167 -11.40 -21.02 15.14
C PRO B 167 -10.44 -20.22 16.02
N SER B 168 -10.90 -19.05 16.45
CA SER B 168 -10.20 -18.24 17.43
CA SER B 168 -10.18 -18.25 17.42
C SER B 168 -10.30 -18.87 18.81
N ASP B 169 -9.31 -18.63 19.66
CA ASP B 169 -9.34 -19.10 21.03
C ASP B 169 -10.36 -18.33 21.86
N VAL B 170 -10.56 -17.07 21.49
CA VAL B 170 -11.46 -16.18 22.21
C VAL B 170 -12.38 -15.42 21.24
N TRP B 171 -13.46 -14.90 21.78
CA TRP B 171 -14.29 -13.95 21.05
C TRP B 171 -14.54 -12.77 21.98
N TYR B 172 -15.00 -11.66 21.40
CA TYR B 172 -15.14 -10.44 22.16
C TYR B 172 -16.51 -9.84 21.98
N GLU B 173 -16.98 -9.19 23.04
CA GLU B 173 -18.23 -8.46 22.98
C GLU B 173 -18.05 -7.19 22.17
N GLU B 174 -19.14 -6.74 21.57
CA GLU B 174 -19.11 -5.46 20.88
C GLU B 174 -19.02 -4.35 21.92
N ARG B 175 -18.19 -3.34 21.65
CA ARG B 175 -18.08 -2.22 22.56
C ARG B 175 -19.39 -1.49 22.63
N THR B 176 -19.63 -0.83 23.76
CA THR B 176 -20.76 0.06 23.91
C THR B 176 -20.27 1.50 23.97
N ASP B 177 -18.96 1.68 23.80
CA ASP B 177 -18.35 3.01 23.75
C ASP B 177 -17.25 3.03 22.70
N PHE B 178 -17.45 3.78 21.61
CA PHE B 178 -16.43 3.89 20.57
C PHE B 178 -15.81 5.28 20.57
N SER B 179 -16.09 6.07 21.61
CA SER B 179 -15.60 7.44 21.70
C SER B 179 -14.13 7.47 22.09
N PRO B 180 -13.53 8.67 22.12
CA PRO B 180 -12.12 8.69 22.51
C PRO B 180 -11.87 8.10 23.90
N THR B 181 -12.89 8.11 24.75
CA THR B 181 -12.76 7.54 26.09
C THR B 181 -12.25 6.10 26.02
N ALA B 182 -12.57 5.41 24.93
CA ALA B 182 -12.29 4.00 24.83
C ALA B 182 -10.91 3.69 24.23
N LEU B 183 -10.21 4.72 23.78
CA LEU B 183 -8.90 4.49 23.17
C LEU B 183 -7.99 3.81 24.17
N GLY B 184 -7.33 2.74 23.73
CA GLY B 184 -6.36 2.04 24.55
C GLY B 184 -6.98 1.15 25.60
N THR B 185 -8.28 0.87 25.46
CA THR B 185 -8.96 -0.05 26.36
C THR B 185 -9.30 -1.32 25.59
N PRO B 186 -9.27 -2.47 26.28
CA PRO B 186 -9.58 -3.74 25.64
C PRO B 186 -11.07 -4.03 25.61
N ARG B 187 -11.50 -4.78 24.61
CA ARG B 187 -12.83 -5.35 24.62
C ARG B 187 -12.89 -6.42 25.71
N VAL B 188 -14.10 -6.82 26.07
CA VAL B 188 -14.32 -7.92 26.98
C VAL B 188 -14.25 -9.24 26.24
N SER B 189 -13.45 -10.18 26.73
CA SER B 189 -13.21 -11.43 26.02
C SER B 189 -13.89 -12.60 26.68
N HIS B 190 -14.20 -13.61 25.87
CA HIS B 190 -14.79 -14.84 26.36
C HIS B 190 -14.15 -15.97 25.59
N THR B 191 -14.16 -17.16 26.16
CA THR B 191 -13.61 -18.34 25.52
CA THR B 191 -13.55 -18.27 25.47
C THR B 191 -14.49 -18.74 24.34
N ASN B 192 -13.87 -19.06 23.21
CA ASN B 192 -14.57 -19.52 22.03
C ASN B 192 -14.42 -21.02 21.86
N THR B 193 -15.53 -21.72 21.71
CA THR B 193 -15.50 -23.18 21.67
C THR B 193 -15.33 -23.79 20.25
N GLY B 194 -15.30 -22.94 19.23
CA GLY B 194 -15.02 -23.42 17.89
C GLY B 194 -16.22 -23.76 17.04
N PHE B 195 -15.97 -24.50 15.96
CA PHE B 195 -16.99 -24.82 14.97
C PHE B 195 -17.99 -25.82 15.53
N ASP B 196 -19.25 -25.62 15.16
CA ASP B 196 -20.34 -26.49 15.56
CA ASP B 196 -20.35 -26.51 15.55
C ASP B 196 -20.97 -27.07 14.30
N LEU B 197 -20.91 -28.39 14.14
CA LEU B 197 -21.57 -29.04 13.01
C LEU B 197 -23.01 -29.31 13.42
N LEU B 198 -23.97 -28.60 12.83
CA LEU B 198 -25.36 -28.74 13.27
C LEU B 198 -26.02 -29.96 12.64
N GLN B 199 -25.62 -30.27 11.42
CA GLN B 199 -26.16 -31.37 10.65
C GLN B 199 -25.30 -31.55 9.41
N GLY B 200 -25.44 -32.71 8.76
CA GLY B 200 -24.74 -32.95 7.51
C GLY B 200 -23.37 -33.58 7.69
N SER B 201 -22.77 -33.96 6.57
CA SER B 201 -21.44 -34.56 6.59
CA SER B 201 -21.44 -34.54 6.56
C SER B 201 -20.41 -33.61 7.20
N ALA B 202 -19.45 -34.19 7.91
CA ALA B 202 -18.44 -33.41 8.64
C ALA B 202 -17.38 -32.83 7.72
N GLN B 203 -17.31 -33.34 6.49
CA GLN B 203 -16.44 -32.78 5.47
C GLN B 203 -17.26 -32.41 4.23
N PHE B 204 -16.96 -31.26 3.66
CA PHE B 204 -17.62 -30.83 2.43
C PHE B 204 -16.77 -29.74 1.80
N GLU B 205 -17.04 -29.45 0.52
CA GLU B 205 -16.15 -28.56 -0.23
C GLU B 205 -16.90 -27.76 -1.27
N GLY B 206 -16.26 -26.66 -1.69
CA GLY B 206 -16.77 -25.83 -2.76
C GLY B 206 -16.24 -24.42 -2.60
N LYS B 207 -16.46 -23.59 -3.61
CA LYS B 207 -16.14 -22.17 -3.50
C LYS B 207 -17.19 -21.50 -2.63
N ILE B 208 -16.74 -20.55 -1.82
CA ILE B 208 -17.62 -19.83 -0.90
C ILE B 208 -18.12 -18.51 -1.51
N LEU B 209 -19.38 -18.20 -1.22
CA LEU B 209 -20.01 -16.96 -1.62
C LEU B 209 -21.16 -16.67 -0.66
N GLY B 210 -21.43 -15.39 -0.40
CA GLY B 210 -22.50 -15.04 0.53
C GLY B 210 -22.12 -13.79 1.31
N GLY B 211 -22.52 -13.78 2.57
CA GLY B 211 -22.22 -12.67 3.45
C GLY B 211 -23.30 -12.46 4.49
N CYS B 212 -23.77 -11.23 4.61
CA CYS B 212 -24.73 -10.87 5.62
C CYS B 212 -26.15 -11.26 5.23
N LEU B 213 -26.80 -12.04 6.10
CA LEU B 213 -28.17 -12.50 5.87
C LEU B 213 -29.15 -11.33 5.62
N GLU B 214 -29.07 -10.30 6.44
CA GLU B 214 -29.93 -9.13 6.28
C GLU B 214 -29.76 -8.46 4.93
N SER B 215 -28.54 -8.47 4.42
CA SER B 215 -28.27 -7.85 3.13
CA SER B 215 -28.25 -7.87 3.13
C SER B 215 -28.89 -8.69 2.02
N LEU B 216 -28.68 -10.01 2.07
CA LEU B 216 -29.24 -10.89 1.06
C LEU B 216 -30.77 -10.82 1.05
N TYR B 217 -31.36 -10.64 2.23
CA TYR B 217 -32.81 -10.57 2.38
C TYR B 217 -33.39 -9.43 1.56
N ASP B 218 -32.69 -8.31 1.53
CA ASP B 218 -33.17 -7.11 0.84
C ASP B 218 -33.15 -7.26 -0.68
N ILE B 219 -32.48 -8.28 -1.18
CA ILE B 219 -32.55 -8.60 -2.61
C ILE B 219 -33.97 -9.04 -2.96
N PHE B 220 -34.64 -9.67 -1.99
CA PHE B 220 -35.93 -10.31 -2.24
C PHE B 220 -37.11 -9.64 -1.50
N ASP B 221 -36.81 -8.88 -0.45
CA ASP B 221 -37.84 -8.21 0.32
C ASP B 221 -37.59 -6.72 0.36
N ASN B 222 -38.62 -5.90 0.09
CA ASN B 222 -38.44 -4.46 -0.06
C ASN B 222 -38.94 -3.64 1.13
N SER B 223 -39.00 -4.27 2.30
CA SER B 223 -39.46 -3.58 3.52
C SER B 223 -38.53 -2.43 3.91
N ARG B 224 -37.22 -2.66 3.82
CA ARG B 224 -36.24 -1.65 4.20
C ARG B 224 -36.22 -0.52 3.18
N TYR B 225 -36.10 -0.87 1.91
CA TYR B 225 -36.13 0.10 0.81
C TYR B 225 -37.04 -0.41 -0.29
N ALA B 226 -38.03 0.39 -0.65
CA ALA B 226 -39.08 -0.02 -1.57
C ALA B 226 -38.57 -0.51 -2.93
N ASP B 227 -37.43 0.02 -3.38
CA ASP B 227 -36.93 -0.33 -4.70
C ASP B 227 -35.84 -1.39 -4.72
N SER B 228 -35.51 -1.97 -3.56
CA SER B 228 -34.35 -2.87 -3.52
C SER B 228 -34.58 -4.09 -4.40
N THR B 229 -35.76 -4.69 -4.30
CA THR B 229 -36.06 -5.89 -5.06
C THR B 229 -36.05 -5.60 -6.56
N GLU B 230 -36.67 -4.49 -6.98
CA GLU B 230 -36.72 -4.15 -8.41
C GLU B 230 -35.34 -3.90 -8.99
N LEU B 231 -34.51 -3.15 -8.27
CA LEU B 231 -33.17 -2.83 -8.76
C LEU B 231 -32.29 -4.07 -8.84
N CYS B 232 -32.35 -4.90 -7.80
CA CYS B 232 -31.51 -6.10 -7.78
C CYS B 232 -31.93 -7.07 -8.87
N GLN B 233 -33.23 -7.12 -9.17
CA GLN B 233 -33.71 -7.97 -10.26
C GLN B 233 -33.32 -7.40 -11.62
N LYS B 234 -33.44 -6.09 -11.78
CA LYS B 234 -33.13 -5.48 -13.07
C LYS B 234 -31.70 -5.79 -13.48
N TYR B 235 -30.79 -5.73 -12.51
CA TYR B 235 -29.38 -5.93 -12.76
C TYR B 235 -28.92 -7.33 -12.39
N LYS B 236 -29.90 -8.21 -12.16
CA LYS B 236 -29.64 -9.63 -11.94
C LYS B 236 -28.46 -9.85 -10.97
N LEU B 237 -28.58 -9.28 -9.78
CA LEU B 237 -27.52 -9.34 -8.78
C LEU B 237 -27.35 -10.71 -8.14
N PHE B 238 -28.45 -11.39 -7.86
CA PHE B 238 -28.40 -12.70 -7.21
C PHE B 238 -27.99 -13.76 -8.22
N PRO B 239 -26.94 -14.54 -7.91
CA PRO B 239 -26.47 -15.54 -8.89
C PRO B 239 -27.56 -16.56 -9.22
N ASP B 240 -27.52 -17.06 -10.44
CA ASP B 240 -28.40 -18.14 -10.89
C ASP B 240 -28.16 -19.37 -10.05
N LEU B 241 -29.17 -20.23 -9.94
CA LEU B 241 -28.98 -21.49 -9.24
C LEU B 241 -27.86 -22.32 -9.85
N SER B 242 -27.71 -22.27 -11.17
CA SER B 242 -26.63 -23.01 -11.83
C SER B 242 -25.26 -22.55 -11.36
N ASP B 243 -25.20 -21.29 -10.92
CA ASP B 243 -23.97 -20.71 -10.41
C ASP B 243 -23.77 -21.07 -8.94
N TRP B 244 -24.87 -21.08 -8.16
CA TRP B 244 -24.81 -21.47 -6.76
C TRP B 244 -24.49 -22.95 -6.59
N GLU B 245 -24.80 -23.75 -7.61
CA GLU B 245 -24.63 -25.19 -7.52
C GLU B 245 -23.19 -25.57 -7.16
N GLY B 246 -23.04 -26.38 -6.12
CA GLY B 246 -21.72 -26.80 -5.68
C GLY B 246 -20.96 -25.79 -4.84
N LYS B 247 -21.53 -24.62 -4.62
CA LYS B 247 -20.87 -23.63 -3.77
C LYS B 247 -21.19 -23.87 -2.30
N ILE B 248 -20.40 -23.26 -1.44
CA ILE B 248 -20.73 -23.18 -0.02
C ILE B 248 -21.25 -21.78 0.26
N LEU B 249 -22.42 -21.70 0.86
CA LEU B 249 -23.02 -20.42 1.19
C LEU B 249 -22.52 -19.96 2.54
N LEU B 250 -22.15 -18.68 2.64
CA LEU B 250 -21.83 -18.04 3.91
C LEU B 250 -22.98 -17.13 4.33
N LEU B 251 -23.46 -17.29 5.57
CA LEU B 251 -24.40 -16.36 6.17
C LEU B 251 -23.90 -15.86 7.53
N GLU B 252 -24.13 -14.59 7.79
CA GLU B 252 -23.82 -14.04 9.11
C GLU B 252 -24.78 -12.91 9.43
N THR B 253 -25.07 -12.72 10.71
CA THR B 253 -26.04 -11.74 11.15
C THR B 253 -25.38 -10.46 11.69
N SER B 254 -26.09 -9.35 11.52
CA SER B 254 -25.55 -8.03 11.80
C SER B 254 -25.82 -7.54 13.23
N GLU B 255 -25.42 -6.29 13.46
CA GLU B 255 -25.64 -5.62 14.74
C GLU B 255 -27.13 -5.43 15.02
N GLU B 256 -27.96 -5.56 13.99
CA GLU B 256 -29.39 -5.47 14.18
C GLU B 256 -29.92 -6.62 15.05
N LYS B 257 -29.13 -7.69 15.18
CA LYS B 257 -29.49 -8.83 16.04
C LYS B 257 -30.93 -9.29 15.78
N PRO B 258 -31.20 -9.79 14.57
CA PRO B 258 -32.59 -10.13 14.25
C PRO B 258 -33.21 -11.09 15.26
N LYS B 259 -34.43 -10.78 15.69
CA LYS B 259 -35.16 -11.66 16.59
C LYS B 259 -35.29 -13.03 15.95
N PRO B 260 -35.37 -14.08 16.77
CA PRO B 260 -35.42 -15.42 16.20
C PRO B 260 -36.48 -15.58 15.11
N GLU B 261 -37.66 -14.99 15.29
CA GLU B 261 -38.71 -15.15 14.27
C GLU B 261 -38.35 -14.41 12.97
N ASP B 262 -37.63 -13.30 13.08
CA ASP B 262 -37.16 -12.57 11.91
C ASP B 262 -35.99 -13.27 11.21
N PHE B 263 -35.09 -13.84 12.00
CA PHE B 263 -34.01 -14.67 11.45
C PHE B 263 -34.64 -15.80 10.62
N LYS B 264 -35.62 -16.49 11.18
CA LYS B 264 -36.30 -17.58 10.49
C LYS B 264 -37.03 -17.11 9.22
N LYS B 265 -37.68 -15.95 9.31
CA LYS B 265 -38.34 -15.36 8.14
C LYS B 265 -37.34 -15.17 6.99
N LEU B 267 -34.46 -16.80 6.52
CA LEU B 267 -34.05 -18.09 5.98
C LEU B 267 -35.15 -18.62 5.03
N LEU B 268 -36.42 -18.43 5.40
CA LEU B 268 -37.51 -18.91 4.55
C LEU B 268 -37.53 -18.20 3.20
N THR B 269 -37.19 -16.90 3.19
CA THR B 269 -37.08 -16.17 1.94
C THR B 269 -35.96 -16.74 1.07
N LEU B 270 -34.82 -17.06 1.68
CA LEU B 270 -33.72 -17.66 0.92
C LEU B 270 -34.13 -19.04 0.43
N LYS B 271 -34.82 -19.80 1.27
CA LYS B 271 -35.24 -21.14 0.88
C LYS B 271 -36.07 -21.09 -0.40
N ASP B 272 -36.93 -20.08 -0.53
CA ASP B 272 -37.79 -19.95 -1.70
C ASP B 272 -37.01 -19.73 -2.99
N THR B 273 -35.74 -19.32 -2.90
CA THR B 273 -34.95 -19.09 -4.11
C THR B 273 -34.48 -20.41 -4.70
N GLY B 274 -34.50 -21.47 -3.89
CA GLY B 274 -33.95 -22.74 -4.32
C GLY B 274 -32.49 -22.96 -3.91
N ILE B 275 -31.87 -21.95 -3.31
CA ILE B 275 -30.43 -21.99 -3.06
C ILE B 275 -30.00 -23.17 -2.17
N PHE B 276 -30.75 -23.45 -1.12
CA PHE B 276 -30.34 -24.49 -0.18
C PHE B 276 -30.34 -25.86 -0.85
N ALA B 277 -31.05 -25.97 -1.97
CA ALA B 277 -31.16 -27.24 -2.69
C ALA B 277 -29.96 -27.56 -3.59
N VAL B 278 -29.13 -26.56 -3.88
CA VAL B 278 -28.02 -26.78 -4.82
C VAL B 278 -26.63 -26.59 -4.20
N ILE B 279 -26.56 -25.95 -3.04
CA ILE B 279 -25.26 -25.72 -2.41
C ILE B 279 -24.70 -27.01 -1.79
N ASN B 280 -23.39 -27.02 -1.57
CA ASN B 280 -22.72 -28.16 -0.96
C ASN B 280 -22.65 -28.04 0.56
N GLY B 281 -22.99 -26.86 1.08
CA GLY B 281 -22.94 -26.64 2.51
C GLY B 281 -23.14 -25.20 2.87
N LEU B 282 -23.28 -24.96 4.17
CA LEU B 282 -23.57 -23.63 4.70
C LEU B 282 -22.67 -23.34 5.88
N LEU B 283 -22.02 -22.18 5.86
CA LEU B 283 -21.22 -21.73 6.98
C LEU B 283 -21.93 -20.54 7.61
N VAL B 284 -22.05 -20.55 8.93
CA VAL B 284 -22.75 -19.48 9.64
C VAL B 284 -21.86 -18.84 10.69
N GLY B 285 -21.75 -17.52 10.64
CA GLY B 285 -20.95 -16.79 11.61
C GLY B 285 -21.60 -16.71 12.99
N LYS B 286 -20.74 -16.60 14.01
CA LYS B 286 -21.17 -16.30 15.37
C LYS B 286 -21.97 -14.98 15.37
N PRO B 287 -23.18 -14.98 15.96
CA PRO B 287 -23.88 -13.68 16.03
C PRO B 287 -23.16 -12.70 16.92
N ASP B 289 -22.17 -10.58 19.89
CA ASP B 289 -22.42 -10.75 21.33
C ASP B 289 -22.97 -12.14 21.64
N GLU B 290 -22.91 -13.05 20.67
CA GLU B 290 -23.62 -14.33 20.76
C GLU B 290 -25.12 -14.15 21.08
N THR B 291 -25.68 -13.01 20.69
CA THR B 291 -27.10 -12.77 20.95
C THR B 291 -27.95 -13.72 20.10
N PHE B 292 -28.88 -14.40 20.76
CA PHE B 292 -29.77 -15.40 20.14
C PHE B 292 -29.01 -16.62 19.58
N HIS B 293 -27.82 -16.87 20.10
CA HIS B 293 -26.95 -17.94 19.60
C HIS B 293 -27.69 -19.27 19.42
N ASP B 294 -28.32 -19.76 20.49
CA ASP B 294 -28.99 -21.06 20.44
C ASP B 294 -30.27 -21.02 19.60
N ASP B 295 -30.94 -19.87 19.62
CA ASP B 295 -32.19 -19.71 18.88
C ASP B 295 -31.94 -19.87 17.39
N TYR B 296 -30.86 -19.28 16.90
CA TYR B 296 -30.57 -19.36 15.47
C TYR B 296 -30.24 -20.80 15.06
N LYS B 297 -29.53 -21.51 15.92
CA LYS B 297 -29.21 -22.92 15.64
CA LYS B 297 -29.21 -22.91 15.63
C LYS B 297 -30.50 -23.69 15.41
N GLU B 298 -31.48 -23.47 16.28
CA GLU B 298 -32.75 -24.19 16.16
C GLU B 298 -33.46 -23.84 14.86
N ALA B 299 -33.43 -22.56 14.49
CA ALA B 299 -34.09 -22.09 13.28
C ALA B 299 -33.46 -22.69 12.04
N LEU B 300 -32.13 -22.79 12.04
CA LEU B 300 -31.42 -23.36 10.91
C LEU B 300 -31.80 -24.83 10.74
N LEU B 301 -31.83 -25.57 11.84
CA LEU B 301 -32.22 -26.97 11.80
C LEU B 301 -33.65 -27.15 11.32
N ASP B 302 -34.51 -26.18 11.61
CA ASP B 302 -35.92 -26.29 11.27
CA ASP B 302 -35.93 -26.29 11.25
C ASP B 302 -36.16 -26.05 9.77
N ILE B 303 -35.48 -25.05 9.23
CA ILE B 303 -35.73 -24.62 7.85
C ILE B 303 -34.89 -25.33 6.78
N ILE B 304 -33.63 -25.57 7.09
CA ILE B 304 -32.74 -26.14 6.09
C ILE B 304 -32.79 -27.67 6.05
N ASP B 305 -32.97 -28.20 4.85
CA ASP B 305 -33.02 -29.64 4.63
C ASP B 305 -31.89 -30.35 5.37
N SER B 306 -32.24 -31.48 5.99
CA SER B 306 -31.32 -32.17 6.88
C SER B 306 -30.06 -32.68 6.19
N ASN B 307 -30.06 -32.77 4.87
CA ASN B 307 -28.91 -33.33 4.16
C ASN B 307 -27.81 -32.31 3.87
N ILE B 308 -28.12 -31.03 4.06
CA ILE B 308 -27.16 -29.98 3.77
C ILE B 308 -26.29 -29.71 4.99
N PRO B 309 -24.96 -29.88 4.86
CA PRO B 309 -24.11 -29.58 6.02
C PRO B 309 -24.23 -28.13 6.46
N ILE B 310 -24.28 -27.93 7.77
CA ILE B 310 -24.27 -26.59 8.34
C ILE B 310 -23.21 -26.53 9.43
N VAL B 311 -22.23 -25.66 9.25
CA VAL B 311 -21.23 -25.41 10.28
C VAL B 311 -21.47 -24.02 10.84
N TYR B 312 -21.67 -23.95 12.15
CA TYR B 312 -22.07 -22.75 12.85
C TYR B 312 -20.93 -22.27 13.75
N ASN B 313 -21.02 -21.01 14.17
CA ASN B 313 -20.06 -20.40 15.11
C ASN B 313 -18.70 -20.06 14.51
N LEU B 314 -18.64 -19.80 13.21
CA LEU B 314 -17.43 -19.27 12.59
C LEU B 314 -17.12 -17.88 13.12
N ASN B 315 -15.83 -17.56 13.24
CA ASN B 315 -15.43 -16.22 13.62
C ASN B 315 -15.36 -15.36 12.36
N VAL B 316 -16.51 -15.26 11.71
CA VAL B 316 -16.69 -14.45 10.51
C VAL B 316 -17.98 -13.68 10.68
N GLY B 317 -17.92 -12.39 10.40
CA GLY B 317 -19.10 -11.55 10.47
C GLY B 317 -18.99 -10.44 11.47
N HIS B 318 -20.06 -10.23 12.22
CA HIS B 318 -20.14 -9.05 13.09
C HIS B 318 -19.66 -9.26 14.51
N ALA B 319 -19.48 -10.51 14.93
CA ALA B 319 -18.81 -10.72 16.20
C ALA B 319 -17.33 -10.45 15.97
N THR B 320 -16.55 -10.39 17.03
CA THR B 320 -15.09 -10.24 16.90
C THR B 320 -14.42 -11.40 17.67
N PRO B 321 -13.17 -11.73 17.31
CA PRO B 321 -12.38 -11.17 16.20
C PRO B 321 -12.89 -11.71 14.87
N ARG B 322 -12.23 -11.32 13.78
CA ARG B 322 -12.75 -11.56 12.44
C ARG B 322 -11.72 -12.19 11.52
N ALA B 323 -12.09 -13.34 10.96
CA ALA B 323 -11.28 -13.97 9.93
C ALA B 323 -11.66 -13.38 8.58
N ILE B 324 -10.78 -13.53 7.59
CA ILE B 324 -11.10 -13.15 6.23
C ILE B 324 -11.36 -14.39 5.38
N VAL B 325 -12.46 -14.37 4.63
CA VAL B 325 -12.84 -15.48 3.78
C VAL B 325 -12.69 -15.13 2.31
N PRO B 326 -11.74 -15.78 1.62
CA PRO B 326 -11.71 -15.62 0.16
C PRO B 326 -12.99 -16.17 -0.44
N PHE B 327 -13.61 -15.41 -1.33
CA PHE B 327 -14.73 -15.89 -2.14
C PHE B 327 -14.18 -16.35 -3.49
N GLY B 328 -14.81 -17.34 -4.08
CA GLY B 328 -14.40 -17.80 -5.41
C GLY B 328 -13.16 -18.68 -5.39
N VAL B 329 -12.79 -19.17 -4.21
CA VAL B 329 -11.65 -20.06 -4.07
C VAL B 329 -12.12 -21.37 -3.45
N HIS B 330 -11.81 -22.48 -4.11
CA HIS B 330 -12.25 -23.79 -3.63
C HIS B 330 -11.81 -24.03 -2.19
N ALA B 331 -12.75 -24.38 -1.33
CA ALA B 331 -12.46 -24.59 0.08
C ALA B 331 -12.86 -25.99 0.49
N HIS B 332 -12.07 -26.57 1.40
CA HIS B 332 -12.43 -27.83 2.02
CA HIS B 332 -12.40 -27.84 2.02
C HIS B 332 -12.70 -27.60 3.50
N VAL B 333 -13.92 -27.91 3.91
CA VAL B 333 -14.35 -27.76 5.30
C VAL B 333 -14.26 -29.09 6.03
N ASP B 334 -13.59 -29.09 7.18
CA ASP B 334 -13.52 -30.27 8.04
C ASP B 334 -13.98 -29.85 9.43
N ALA B 335 -15.20 -30.22 9.77
CA ALA B 335 -15.81 -29.79 11.02
C ALA B 335 -15.23 -30.50 12.23
N GLN B 336 -14.70 -31.71 12.06
CA GLN B 336 -14.13 -32.42 13.18
C GLN B 336 -12.77 -31.85 13.56
N GLU B 337 -11.94 -31.62 12.53
CA GLU B 337 -10.61 -31.02 12.72
C GLU B 337 -10.71 -29.51 12.95
N GLN B 338 -11.87 -28.95 12.65
CA GLN B 338 -12.14 -27.52 12.76
C GLN B 338 -11.16 -26.69 11.92
N VAL B 339 -11.13 -26.97 10.62
CA VAL B 339 -10.32 -26.19 9.72
C VAL B 339 -11.02 -26.05 8.37
N ILE B 340 -10.84 -24.90 7.74
CA ILE B 340 -11.25 -24.68 6.37
C ILE B 340 -9.98 -24.40 5.59
N LEU B 341 -9.71 -25.24 4.60
CA LEU B 341 -8.50 -25.14 3.79
C LEU B 341 -8.83 -24.65 2.40
N PHE B 342 -8.12 -23.62 1.94
CA PHE B 342 -8.32 -23.10 0.59
C PHE B 342 -7.28 -23.64 -0.39
N ASP B 343 -7.77 -24.12 -1.53
CA ASP B 343 -6.94 -24.74 -2.52
C ASP B 343 -6.85 -23.82 -3.74
N TYR B 344 -5.72 -23.12 -3.86
CA TYR B 344 -5.47 -22.23 -4.97
C TYR B 344 -4.87 -23.00 -6.16
#